data_3Q7F
#
_entry.id   3Q7F
#
_cell.length_a   143.580
_cell.length_b   143.580
_cell.length_c   130.723
_cell.angle_alpha   90.00
_cell.angle_beta   90.00
_cell.angle_gamma   90.00
#
_symmetry.space_group_name_H-M   'P 43 21 2'
#
loop_
_entity.id
_entity.type
_entity.pdbx_description
1 polymer 'Farnesyltransferase alpha subunit'
2 polymer 'Farnesyltransferase beta subunit'
3 branched beta-D-fructofuranose-(2-1)-alpha-D-glucopyranose
4 non-polymer 'ZINC ION'
5 non-polymer '(2S)-3-(cyclohexylamino)-2-hydroxypropane-1-sulfonic acid'
6 non-polymer 'FARNESYL DIPHOSPHATE'
7 non-polymer 'SULFATE ION'
8 non-polymer N-benzyl-N-(2-{(4-cyanophenyl)[(1-methyl-1H-imidazol-5-yl)methyl]amino}ethyl)-1-methyl-1H-imidazole-4-sulfonamide
9 water water
#
loop_
_entity_poly.entity_id
_entity_poly.type
_entity_poly.pdbx_seq_one_letter_code
_entity_poly.pdbx_strand_id
1 'polypeptide(L)'
;MGSSHHHHHHSQDLMVTSTYIPMSQRRSWADVKPIMQDDGPNPVVPIMYSEEYKDAMDYFRAIAAKEEKSERALELTEII
VRMNPAHYTVWQYRFSLLTSLNKSLEDELRLMNEFAVQNLKSYQVWHHRLLLLDRISPQDPVSEIEYIHGSLLPDPKNYH
TWAYLHWLYSHFSTLGRISEAQWGSELDWCNEMLRVDGRNNSAWGWRWYLRVSRPGAETSSRSLQDELIYILKSIHLIPH
NVSAWNYLRGFLKHFSLPLVPILPAILPYTASKLNPDIETVEAFGFPMPSDPLPEDTPLPVPLALEYLADSFIEQNRVDD
AAKVFEKLSSEYDQMRAGYWEFRRRECAE
;
A
2 'polypeptide(L)'
;MATEFTPSVYSLVSKPLPSNSRPSATLDEQAETEDLISQLFDLTADPNALVSEHGKRYSGLRKQEHTQFLASSFFQLPGK
FVSLDASRPWLVFWTVHSLDLLGVALDQGTKDRVVSTLLHFLSPKGGFGGGPANSQIPHLLPTYASVCSLAIAGNDSSTG
GWKDLAAARQSIYEFFMRCKRPDGGFVVCEGGEVDVRGTYCLLVVATLLDIITPELLHNVDKFVSACQTYEGGFACASFP
FPSVVPSTSAFPTSEPSCRVSMAEAHGGYTSCSLNSHFLLTSVPLPSFPLSIDANAALRWTVLQQGEPIEGGGFRGRTNK
LVDGCYSWWVGGGAPVAEELVRREKSRKVKKSRIEVFEEEKEGDWEDVPPIPPIFNRVALQEFTLVAAQQDPGSTGGLRD
KPGKRPDQYHTCNNLSGLSIAQHKMSHSPSTVSSNRLKFDASKGLPAVKPVAPGGGWKNEDERQNARREIWANALGWIEE
EGGEIIVGGKDNRINTTTPVFNILGLRLKPFINYFYCQEN
;
B
#
# COMPACT_ATOMS: atom_id res chain seq x y z
N THR A 19 -16.53 -33.03 22.75
CA THR A 19 -15.16 -33.44 22.32
C THR A 19 -15.10 -33.59 20.80
N TYR A 20 -13.95 -33.21 20.22
CA TYR A 20 -13.74 -33.30 18.79
C TYR A 20 -13.45 -34.74 18.34
N ILE A 21 -14.14 -35.17 17.29
CA ILE A 21 -13.93 -36.49 16.69
C ILE A 21 -12.94 -36.37 15.53
N PRO A 22 -11.74 -36.97 15.68
CA PRO A 22 -10.74 -36.94 14.61
C PRO A 22 -11.26 -37.54 13.31
N MET A 23 -10.84 -36.96 12.19
CA MET A 23 -11.29 -37.40 10.86
C MET A 23 -10.78 -38.80 10.49
N SER A 24 -9.71 -39.23 11.15
CA SER A 24 -9.16 -40.59 10.98
C SER A 24 -10.05 -41.65 11.63
N GLN A 25 -10.98 -41.20 12.47
CA GLN A 25 -11.94 -42.07 13.13
C GLN A 25 -13.31 -42.04 12.45
N ARG A 26 -13.47 -41.13 11.49
CA ARG A 26 -14.73 -40.99 10.76
C ARG A 26 -14.77 -41.89 9.54
N ARG A 27 -15.86 -42.65 9.40
CA ARG A 27 -15.99 -43.63 8.31
C ARG A 27 -16.22 -42.97 6.95
N SER A 28 -16.65 -41.71 6.96
CA SER A 28 -16.77 -40.90 5.74
C SER A 28 -15.41 -40.56 5.13
N TRP A 29 -14.36 -40.67 5.93
CA TRP A 29 -13.00 -40.29 5.53
C TRP A 29 -12.01 -41.44 5.58
N ALA A 30 -12.51 -42.64 5.87
CA ALA A 30 -11.68 -43.86 6.02
C ALA A 30 -10.74 -44.13 4.85
N ASP A 31 -11.19 -43.83 3.63
CA ASP A 31 -10.42 -44.10 2.42
C ASP A 31 -9.32 -43.07 2.14
N VAL A 32 -9.32 -41.96 2.87
CA VAL A 32 -8.36 -40.88 2.66
C VAL A 32 -7.19 -40.98 3.63
N LYS A 33 -5.97 -40.98 3.09
CA LYS A 33 -4.76 -40.94 3.90
C LYS A 33 -4.30 -39.49 4.03
N PRO A 34 -4.33 -38.95 5.27
CA PRO A 34 -3.93 -37.55 5.49
C PRO A 34 -2.47 -37.31 5.15
N ILE A 35 -2.16 -36.09 4.70
CA ILE A 35 -0.80 -35.69 4.36
C ILE A 35 -0.36 -34.57 5.30
N MET A 36 0.79 -34.75 5.93
CA MET A 36 1.34 -33.79 6.91
C MET A 36 1.93 -32.56 6.23
N GLN A 37 1.95 -31.45 6.96
CA GLN A 37 2.57 -30.22 6.47
C GLN A 37 4.07 -30.44 6.29
N ASP A 38 4.59 -30.04 5.12
CA ASP A 38 5.99 -30.26 4.79
C ASP A 38 6.84 -29.04 5.13
N ASP A 39 7.03 -28.81 6.43
CA ASP A 39 7.74 -27.62 6.92
C ASP A 39 9.25 -27.70 6.74
N GLY A 40 9.76 -28.92 6.65
CA GLY A 40 11.20 -29.17 6.72
C GLY A 40 11.65 -29.23 8.17
N PRO A 41 12.95 -29.40 8.41
CA PRO A 41 13.46 -29.44 9.78
C PRO A 41 13.46 -28.06 10.46
N ASN A 42 13.07 -28.04 11.75
CA ASN A 42 13.14 -26.86 12.61
C ASN A 42 12.74 -25.53 11.96
N PRO A 43 11.48 -25.42 11.49
CA PRO A 43 11.08 -24.20 10.78
C PRO A 43 11.00 -22.98 11.70
N VAL A 44 11.22 -21.79 11.14
CA VAL A 44 10.97 -20.55 11.88
C VAL A 44 9.50 -20.16 11.75
N VAL A 45 9.06 -19.26 12.63
CA VAL A 45 7.66 -18.83 12.79
C VAL A 45 6.57 -19.93 12.70
N PRO A 46 6.77 -21.07 13.39
CA PRO A 46 5.72 -22.08 13.34
C PRO A 46 4.52 -21.68 14.20
N ILE A 47 3.32 -22.03 13.75
CA ILE A 47 2.10 -21.73 14.50
C ILE A 47 1.61 -22.99 15.21
N MET A 48 1.26 -22.84 16.49
CA MET A 48 0.69 -23.93 17.27
C MET A 48 -0.77 -24.14 16.88
N TYR A 49 -0.99 -24.80 15.75
CA TYR A 49 -2.35 -25.04 15.22
C TYR A 49 -3.20 -25.82 16.22
N SER A 50 -4.48 -25.45 16.31
CA SER A 50 -5.43 -26.22 17.09
C SER A 50 -5.60 -27.61 16.48
N GLU A 51 -6.04 -28.56 17.30
CA GLU A 51 -6.30 -29.92 16.85
C GLU A 51 -7.21 -29.94 15.63
N GLU A 52 -8.27 -29.12 15.66
CA GLU A 52 -9.25 -29.05 14.57
C GLU A 52 -8.63 -28.57 13.27
N TYR A 53 -7.85 -27.48 13.35
CA TYR A 53 -7.25 -26.87 12.16
C TYR A 53 -6.19 -27.75 11.50
N LYS A 54 -5.31 -28.33 12.31
CA LYS A 54 -4.28 -29.25 11.82
C LYS A 54 -4.91 -30.44 11.10
N ASP A 55 -5.89 -31.06 11.74
CA ASP A 55 -6.59 -32.23 11.20
C ASP A 55 -7.29 -31.90 9.88
N ALA A 56 -7.94 -30.73 9.82
CA ALA A 56 -8.63 -30.28 8.61
C ALA A 56 -7.65 -30.07 7.46
N MET A 57 -6.52 -29.44 7.74
CA MET A 57 -5.47 -29.20 6.73
C MET A 57 -4.78 -30.47 6.25
N ASP A 58 -4.57 -31.42 7.17
CA ASP A 58 -3.99 -32.72 6.82
C ASP A 58 -4.84 -33.41 5.76
N TYR A 59 -6.16 -33.36 5.95
CA TYR A 59 -7.10 -33.93 5.00
C TYR A 59 -7.31 -33.06 3.75
N PHE A 60 -7.23 -31.74 3.91
CA PHE A 60 -7.28 -30.86 2.75
C PHE A 60 -6.08 -31.07 1.83
N ARG A 61 -4.89 -31.20 2.42
CA ARG A 61 -3.68 -31.53 1.67
C ARG A 61 -3.85 -32.80 0.83
N ALA A 62 -4.49 -33.80 1.42
CA ALA A 62 -4.75 -35.08 0.74
C ALA A 62 -5.78 -34.94 -0.39
N ILE A 63 -6.91 -34.31 -0.06
CA ILE A 63 -7.97 -34.03 -1.02
C ILE A 63 -7.45 -33.25 -2.24
N ALA A 64 -6.68 -32.20 -1.98
CA ALA A 64 -6.21 -31.30 -3.03
C ALA A 64 -5.13 -31.94 -3.89
N ALA A 65 -4.26 -32.73 -3.26
CA ALA A 65 -3.23 -33.48 -3.98
C ALA A 65 -3.84 -34.43 -5.02
N LYS A 66 -4.88 -35.17 -4.62
CA LYS A 66 -5.57 -36.09 -5.52
C LYS A 66 -6.63 -35.38 -6.38
N GLU A 67 -6.81 -34.07 -6.13
CA GLU A 67 -7.77 -33.22 -6.84
C GLU A 67 -9.21 -33.73 -6.84
N GLU A 68 -9.66 -34.17 -5.67
CA GLU A 68 -11.02 -34.67 -5.51
C GLU A 68 -12.04 -33.53 -5.55
N LYS A 69 -13.04 -33.69 -6.41
CA LYS A 69 -14.13 -32.74 -6.51
C LYS A 69 -15.42 -33.40 -6.02
N SER A 70 -15.72 -33.19 -4.74
CA SER A 70 -16.82 -33.89 -4.07
C SER A 70 -17.51 -33.01 -3.03
N GLU A 71 -18.65 -33.49 -2.52
CA GLU A 71 -19.40 -32.79 -1.48
C GLU A 71 -18.63 -32.69 -0.16
N ARG A 72 -17.95 -33.78 0.22
CA ARG A 72 -17.16 -33.80 1.46
C ARG A 72 -15.99 -32.81 1.36
N ALA A 73 -15.42 -32.69 0.16
CA ALA A 73 -14.35 -31.74 -0.12
C ALA A 73 -14.87 -30.32 0.02
N LEU A 74 -16.07 -30.07 -0.51
CA LEU A 74 -16.72 -28.76 -0.40
C LEU A 74 -16.97 -28.41 1.07
N GLU A 75 -17.49 -29.37 1.83
CA GLU A 75 -17.73 -29.17 3.25
C GLU A 75 -16.45 -28.89 4.02
N LEU A 76 -15.37 -29.57 3.63
CA LEU A 76 -14.07 -29.39 4.29
C LEU A 76 -13.52 -27.98 4.07
N THR A 77 -13.71 -27.42 2.87
CA THR A 77 -13.25 -26.06 2.57
C THR A 77 -13.98 -25.02 3.41
N GLU A 78 -15.26 -25.24 3.69
CA GLU A 78 -16.04 -24.34 4.55
C GLU A 78 -15.54 -24.40 5.99
N ILE A 79 -15.26 -25.62 6.47
CA ILE A 79 -14.68 -25.82 7.80
C ILE A 79 -13.40 -24.99 7.97
N ILE A 80 -12.53 -25.04 6.97
CA ILE A 80 -11.22 -24.36 7.03
C ILE A 80 -11.33 -22.83 6.97
N VAL A 81 -12.10 -22.30 6.02
CA VAL A 81 -12.21 -20.84 5.85
C VAL A 81 -12.91 -20.16 7.03
N ARG A 82 -13.70 -20.92 7.78
CA ARG A 82 -14.32 -20.42 9.01
C ARG A 82 -13.28 -20.20 10.10
N MET A 83 -12.27 -21.07 10.16
CA MET A 83 -11.16 -20.94 11.10
C MET A 83 -10.11 -19.94 10.60
N ASN A 84 -9.90 -19.90 9.29
CA ASN A 84 -8.97 -18.96 8.67
C ASN A 84 -9.55 -18.36 7.38
N PRO A 85 -10.32 -17.26 7.51
CA PRO A 85 -10.93 -16.58 6.37
C PRO A 85 -9.95 -16.08 5.31
N ALA A 86 -8.66 -16.03 5.65
CA ALA A 86 -7.64 -15.51 4.73
C ALA A 86 -6.89 -16.58 3.93
N HIS A 87 -7.29 -17.84 4.07
CA HIS A 87 -6.59 -18.94 3.41
C HIS A 87 -6.92 -18.99 1.91
N TYR A 88 -6.12 -18.28 1.12
CA TYR A 88 -6.41 -18.07 -0.31
C TYR A 88 -6.42 -19.36 -1.13
N THR A 89 -5.59 -20.32 -0.74
CA THR A 89 -5.52 -21.63 -1.40
C THR A 89 -6.84 -22.37 -1.28
N VAL A 90 -7.40 -22.37 -0.08
CA VAL A 90 -8.67 -23.05 0.19
C VAL A 90 -9.86 -22.38 -0.53
N TRP A 91 -9.84 -21.05 -0.62
CA TRP A 91 -10.86 -20.31 -1.36
C TRP A 91 -10.84 -20.63 -2.85
N GLN A 92 -9.64 -20.69 -3.42
CA GLN A 92 -9.44 -21.06 -4.82
C GLN A 92 -10.01 -22.46 -5.07
N TYR A 93 -9.68 -23.40 -4.17
CA TYR A 93 -10.18 -24.76 -4.28
C TYR A 93 -11.71 -24.81 -4.13
N ARG A 94 -12.25 -24.00 -3.23
CA ARG A 94 -13.69 -23.94 -3.03
C ARG A 94 -14.43 -23.51 -4.30
N PHE A 95 -13.93 -22.47 -4.97
CA PHE A 95 -14.57 -21.99 -6.20
C PHE A 95 -14.52 -23.03 -7.31
N SER A 96 -13.41 -23.78 -7.39
CA SER A 96 -13.29 -24.90 -8.30
C SER A 96 -14.33 -25.99 -8.03
N LEU A 97 -14.55 -26.27 -6.75
CA LEU A 97 -15.57 -27.22 -6.32
C LEU A 97 -16.98 -26.77 -6.72
N LEU A 98 -17.27 -25.48 -6.51
CA LEU A 98 -18.58 -24.93 -6.85
C LEU A 98 -18.89 -25.07 -8.33
N THR A 99 -17.89 -24.81 -9.18
CA THR A 99 -18.06 -24.89 -10.63
C THR A 99 -18.08 -26.34 -11.14
N SER A 100 -17.18 -27.19 -10.61
CA SER A 100 -17.13 -28.61 -10.98
C SER A 100 -18.42 -29.35 -10.63
N LEU A 101 -18.92 -29.12 -9.41
CA LEU A 101 -20.11 -29.79 -8.91
C LEU A 101 -21.40 -29.11 -9.38
N ASN A 102 -21.26 -27.99 -10.11
CA ASN A 102 -22.40 -27.23 -10.61
C ASN A 102 -23.35 -26.85 -9.47
N LYS A 103 -22.75 -26.37 -8.38
CA LYS A 103 -23.50 -25.98 -7.19
C LYS A 103 -24.27 -24.68 -7.43
N SER A 104 -25.33 -24.49 -6.65
CA SER A 104 -26.10 -23.25 -6.69
C SER A 104 -25.25 -22.06 -6.23
N LEU A 105 -24.98 -21.15 -7.17
CA LEU A 105 -24.18 -19.97 -6.89
C LEU A 105 -24.95 -18.93 -6.05
N GLU A 106 -26.28 -18.97 -6.14
CA GLU A 106 -27.13 -18.13 -5.33
C GLU A 106 -27.10 -18.54 -3.86
N ASP A 107 -27.04 -19.84 -3.61
CA ASP A 107 -26.92 -20.38 -2.25
C ASP A 107 -25.59 -20.00 -1.61
N GLU A 108 -24.52 -20.02 -2.42
CA GLU A 108 -23.19 -19.63 -1.97
C GLU A 108 -23.13 -18.15 -1.60
N LEU A 109 -23.84 -17.31 -2.35
CA LEU A 109 -23.98 -15.89 -2.02
C LEU A 109 -24.62 -15.67 -0.64
N ARG A 110 -25.66 -16.45 -0.34
CA ARG A 110 -26.32 -16.37 0.96
C ARG A 110 -25.41 -16.80 2.09
N LEU A 111 -24.60 -17.83 1.84
CA LEU A 111 -23.58 -18.28 2.78
C LEU A 111 -22.54 -17.20 3.05
N MET A 112 -22.19 -16.43 2.01
CA MET A 112 -21.29 -15.30 2.16
C MET A 112 -21.90 -14.17 3.00
N ASN A 113 -23.21 -13.98 2.87
CA ASN A 113 -23.94 -13.04 3.71
C ASN A 113 -23.86 -13.44 5.18
N GLU A 114 -24.00 -14.74 5.46
CA GLU A 114 -23.82 -15.31 6.80
C GLU A 114 -22.41 -15.08 7.34
N PHE A 115 -21.41 -15.18 6.48
CA PHE A 115 -20.01 -14.95 6.85
C PHE A 115 -19.79 -13.52 7.36
N ALA A 116 -20.36 -12.54 6.66
CA ALA A 116 -20.28 -11.14 7.04
C ALA A 116 -20.98 -10.87 8.38
N VAL A 117 -22.13 -11.52 8.59
CA VAL A 117 -22.88 -11.40 9.85
C VAL A 117 -22.09 -12.01 11.02
N GLN A 118 -21.34 -13.08 10.73
CA GLN A 118 -20.54 -13.77 11.74
C GLN A 118 -19.11 -13.23 11.83
N ASN A 119 -18.89 -12.06 11.23
CA ASN A 119 -17.60 -11.34 11.27
C ASN A 119 -16.39 -12.10 10.71
N LEU A 120 -16.63 -12.88 9.66
CA LEU A 120 -15.56 -13.57 8.96
C LEU A 120 -15.29 -12.81 7.66
N LYS A 121 -14.14 -12.15 7.59
CA LYS A 121 -13.87 -11.19 6.51
C LYS A 121 -12.40 -11.10 6.10
N SER A 122 -12.18 -10.79 4.82
CA SER A 122 -10.85 -10.55 4.26
C SER A 122 -10.95 -10.20 2.77
N TYR A 123 -9.81 -9.91 2.13
CA TYR A 123 -9.70 -9.77 0.67
C TYR A 123 -10.45 -10.91 -0.02
N GLN A 124 -10.31 -12.11 0.56
CA GLN A 124 -10.72 -13.36 -0.07
C GLN A 124 -12.23 -13.53 -0.18
N VAL A 125 -12.96 -13.12 0.87
CA VAL A 125 -14.42 -13.19 0.88
C VAL A 125 -15.01 -12.24 -0.17
N TRP A 126 -14.50 -11.01 -0.22
CA TRP A 126 -14.96 -10.02 -1.20
C TRP A 126 -14.63 -10.44 -2.63
N HIS A 127 -13.44 -10.96 -2.85
CA HIS A 127 -13.05 -11.48 -4.16
C HIS A 127 -13.92 -12.68 -4.56
N HIS A 128 -14.25 -13.52 -3.58
CA HIS A 128 -15.14 -14.66 -3.79
C HIS A 128 -16.52 -14.18 -4.25
N ARG A 129 -17.05 -13.14 -3.62
CA ARG A 129 -18.33 -12.52 -4.01
C ARG A 129 -18.27 -12.03 -5.47
N LEU A 130 -17.18 -11.36 -5.82
CA LEU A 130 -16.97 -10.84 -7.17
C LEU A 130 -17.01 -11.97 -8.21
N LEU A 131 -16.32 -13.07 -7.92
CA LEU A 131 -16.30 -14.22 -8.81
C LEU A 131 -17.68 -14.84 -8.98
N LEU A 132 -18.43 -14.93 -7.88
CA LEU A 132 -19.80 -15.45 -7.90
C LEU A 132 -20.72 -14.60 -8.75
N LEU A 133 -20.63 -13.28 -8.59
CA LEU A 133 -21.48 -12.36 -9.34
C LEU A 133 -21.12 -12.26 -10.81
N ASP A 134 -19.82 -12.37 -11.10
CA ASP A 134 -19.35 -12.46 -12.47
C ASP A 134 -19.97 -13.68 -13.15
N ARG A 135 -19.96 -14.82 -12.47
CA ARG A 135 -20.45 -16.07 -13.05
C ARG A 135 -21.98 -16.14 -13.11
N ILE A 136 -22.66 -15.81 -12.01
CA ILE A 136 -24.12 -15.70 -12.01
C ILE A 136 -24.53 -14.76 -13.14
N SER A 137 -23.88 -13.61 -13.21
CA SER A 137 -24.15 -12.58 -14.22
C SER A 137 -25.64 -12.24 -14.32
N PRO A 138 -26.24 -11.75 -13.22
CA PRO A 138 -27.67 -11.43 -13.23
C PRO A 138 -28.00 -10.33 -14.23
N GLN A 139 -29.21 -10.38 -14.79
CA GLN A 139 -29.66 -9.35 -15.72
C GLN A 139 -29.78 -7.99 -15.03
N ASP A 140 -30.22 -8.01 -13.78
CA ASP A 140 -30.30 -6.80 -12.94
C ASP A 140 -29.55 -7.03 -11.63
N PRO A 141 -28.46 -6.28 -11.41
CA PRO A 141 -27.66 -6.47 -10.20
C PRO A 141 -28.13 -5.63 -9.01
N VAL A 142 -29.37 -5.13 -9.07
CA VAL A 142 -29.92 -4.23 -8.05
C VAL A 142 -29.87 -4.78 -6.61
N SER A 143 -30.21 -6.06 -6.44
CA SER A 143 -30.24 -6.65 -5.10
C SER A 143 -28.84 -6.74 -4.47
N GLU A 144 -27.82 -6.99 -5.31
CA GLU A 144 -26.45 -6.99 -4.83
C GLU A 144 -25.96 -5.58 -4.48
N ILE A 145 -26.36 -4.60 -5.30
CA ILE A 145 -26.11 -3.19 -5.00
C ILE A 145 -26.73 -2.81 -3.64
N GLU A 146 -27.97 -3.24 -3.42
CA GLU A 146 -28.66 -2.99 -2.15
C GLU A 146 -27.93 -3.62 -0.96
N TYR A 147 -27.46 -4.85 -1.13
CA TYR A 147 -26.70 -5.52 -0.08
C TYR A 147 -25.45 -4.71 0.28
N ILE A 148 -24.76 -4.22 -0.73
CA ILE A 148 -23.54 -3.43 -0.53
C ILE A 148 -23.82 -2.15 0.25
N HIS A 149 -24.90 -1.45 -0.12
CA HIS A 149 -25.30 -0.24 0.58
C HIS A 149 -25.55 -0.50 2.07
N GLY A 150 -26.29 -1.57 2.37
CA GLY A 150 -26.59 -1.95 3.74
C GLY A 150 -25.34 -2.34 4.52
N SER A 151 -24.43 -3.00 3.83
CA SER A 151 -23.13 -3.38 4.38
C SER A 151 -22.26 -2.17 4.75
N LEU A 152 -22.38 -1.09 3.97
CA LEU A 152 -21.59 0.13 4.18
C LEU A 152 -22.09 0.99 5.34
N LEU A 153 -23.40 0.96 5.62
CA LEU A 153 -23.98 1.80 6.67
C LEU A 153 -23.25 1.74 8.03
N PRO A 154 -23.05 0.52 8.59
CA PRO A 154 -22.33 0.45 9.86
C PRO A 154 -20.80 0.49 9.72
N ASP A 155 -20.31 0.43 8.47
CA ASP A 155 -18.87 0.41 8.20
C ASP A 155 -18.56 1.28 6.97
N PRO A 156 -18.75 2.60 7.10
CA PRO A 156 -18.91 3.51 5.96
C PRO A 156 -17.65 3.82 5.15
N LYS A 157 -16.50 3.32 5.61
CA LYS A 157 -15.23 3.62 4.94
C LYS A 157 -14.45 2.36 4.55
N ASN A 158 -15.09 1.19 4.66
CA ASN A 158 -14.47 -0.07 4.29
C ASN A 158 -13.95 -0.03 2.86
N TYR A 159 -12.62 -0.02 2.74
CA TYR A 159 -11.97 0.16 1.44
C TYR A 159 -12.40 -0.91 0.43
N HIS A 160 -12.34 -2.18 0.84
CA HIS A 160 -12.69 -3.29 -0.04
C HIS A 160 -14.13 -3.24 -0.53
N THR A 161 -15.03 -2.81 0.34
CA THR A 161 -16.45 -2.72 0.00
C THR A 161 -16.68 -1.63 -1.06
N TRP A 162 -16.00 -0.49 -0.88
CA TRP A 162 -16.06 0.60 -1.85
C TRP A 162 -15.47 0.20 -3.21
N ALA A 163 -14.35 -0.52 -3.20
CA ALA A 163 -13.74 -1.00 -4.45
C ALA A 163 -14.64 -1.98 -5.18
N TYR A 164 -15.30 -2.85 -4.42
CA TYR A 164 -16.25 -3.82 -4.96
C TYR A 164 -17.47 -3.15 -5.60
N LEU A 165 -17.97 -2.08 -4.96
CA LEU A 165 -19.06 -1.28 -5.51
C LEU A 165 -18.67 -0.67 -6.86
N HIS A 166 -17.44 -0.16 -6.94
CA HIS A 166 -16.89 0.36 -8.19
C HIS A 166 -16.87 -0.71 -9.28
N TRP A 167 -16.34 -1.89 -8.94
CA TRP A 167 -16.27 -3.00 -9.90
C TRP A 167 -17.64 -3.41 -10.39
N LEU A 168 -18.58 -3.57 -9.45
CA LEU A 168 -19.92 -4.01 -9.77
C LEU A 168 -20.60 -3.14 -10.82
N TYR A 169 -20.66 -1.83 -10.54
CA TYR A 169 -21.20 -0.88 -11.49
C TYR A 169 -20.42 -0.81 -12.79
N SER A 170 -19.09 -0.93 -12.70
CA SER A 170 -18.23 -0.90 -13.90
C SER A 170 -18.44 -2.13 -14.79
N HIS A 171 -18.40 -3.31 -14.19
CA HIS A 171 -18.58 -4.56 -14.92
C HIS A 171 -19.97 -4.64 -15.56
N PHE A 172 -21.01 -4.37 -14.77
CA PHE A 172 -22.39 -4.49 -15.26
C PHE A 172 -22.81 -3.39 -16.22
N SER A 173 -22.15 -2.23 -16.14
CA SER A 173 -22.39 -1.14 -17.08
C SER A 173 -21.87 -1.48 -18.48
N THR A 174 -20.75 -2.20 -18.57
CA THR A 174 -20.21 -2.63 -19.87
C THR A 174 -21.14 -3.64 -20.54
N LEU A 175 -21.95 -4.31 -19.75
CA LEU A 175 -22.97 -5.24 -20.28
C LEU A 175 -24.26 -4.51 -20.62
N GLY A 176 -24.27 -3.19 -20.41
CA GLY A 176 -25.43 -2.34 -20.67
C GLY A 176 -26.58 -2.59 -19.71
N ARG A 177 -26.26 -3.07 -18.50
CA ARG A 177 -27.30 -3.49 -17.55
C ARG A 177 -27.62 -2.50 -16.43
N ILE A 178 -26.98 -1.33 -16.46
CA ILE A 178 -27.31 -0.26 -15.51
C ILE A 178 -28.14 0.80 -16.22
N SER A 179 -29.40 0.94 -15.80
CA SER A 179 -30.30 1.94 -16.38
C SER A 179 -30.02 3.34 -15.82
N GLU A 180 -30.57 4.35 -16.49
CA GLU A 180 -30.45 5.73 -16.04
C GLU A 180 -31.11 5.97 -14.68
N ALA A 181 -32.24 5.30 -14.45
CA ALA A 181 -32.90 5.34 -13.14
C ALA A 181 -31.98 4.78 -12.05
N GLN A 182 -31.33 3.66 -12.36
CA GLN A 182 -30.38 3.03 -11.43
C GLN A 182 -29.20 3.95 -11.12
N TRP A 183 -28.62 4.60 -12.14
CA TRP A 183 -27.58 5.60 -11.94
C TRP A 183 -28.07 6.76 -11.08
N GLY A 184 -29.30 7.22 -11.35
CA GLY A 184 -29.93 8.30 -10.59
C GLY A 184 -30.07 8.00 -9.11
N SER A 185 -30.55 6.81 -8.77
CA SER A 185 -30.72 6.42 -7.36
C SER A 185 -29.37 6.21 -6.67
N GLU A 186 -28.35 5.84 -7.44
CA GLU A 186 -27.00 5.72 -6.91
C GLU A 186 -26.44 7.07 -6.48
N LEU A 187 -26.67 8.10 -7.29
CA LEU A 187 -26.25 9.46 -6.94
C LEU A 187 -27.03 9.97 -5.72
N ASP A 188 -28.34 9.70 -5.69
CA ASP A 188 -29.17 9.98 -4.52
C ASP A 188 -28.56 9.37 -3.27
N TRP A 189 -28.21 8.08 -3.34
CA TRP A 189 -27.62 7.36 -2.22
C TRP A 189 -26.27 7.96 -1.81
N CYS A 190 -25.47 8.32 -2.80
CA CYS A 190 -24.17 8.93 -2.55
C CYS A 190 -24.30 10.28 -1.85
N ASN A 191 -25.30 11.07 -2.27
CA ASN A 191 -25.57 12.37 -1.66
C ASN A 191 -25.97 12.26 -0.18
N GLU A 192 -26.73 11.21 0.14
CA GLU A 192 -27.17 10.94 1.51
C GLU A 192 -26.00 10.50 2.39
N MET A 193 -25.09 9.71 1.84
CA MET A 193 -23.86 9.34 2.56
C MET A 193 -23.02 10.57 2.92
N LEU A 194 -22.94 11.52 1.98
CA LEU A 194 -22.21 12.76 2.20
C LEU A 194 -22.95 13.73 3.12
N ARG A 195 -24.28 13.63 3.17
CA ARG A 195 -25.08 14.42 4.11
C ARG A 195 -24.84 13.91 5.54
N VAL A 196 -24.87 12.58 5.70
CA VAL A 196 -24.62 11.94 6.99
C VAL A 196 -23.20 12.22 7.52
N ASP A 197 -22.21 12.23 6.63
CA ASP A 197 -20.82 12.55 7.00
C ASP A 197 -20.06 13.16 5.82
N GLY A 198 -20.01 14.48 5.79
CA GLY A 198 -19.31 15.22 4.73
C GLY A 198 -17.82 14.97 4.69
N ARG A 199 -17.28 14.44 5.77
CA ARG A 199 -15.87 14.09 5.86
C ARG A 199 -15.59 12.64 5.44
N ASN A 200 -16.57 11.96 4.86
CA ASN A 200 -16.36 10.60 4.33
C ASN A 200 -15.71 10.67 2.94
N ASN A 201 -14.38 10.55 2.92
CA ASN A 201 -13.61 10.63 1.67
C ASN A 201 -13.93 9.52 0.68
N SER A 202 -14.38 8.36 1.19
CA SER A 202 -14.79 7.24 0.36
C SER A 202 -16.02 7.59 -0.48
N ALA A 203 -16.96 8.32 0.13
CA ALA A 203 -18.17 8.77 -0.54
C ALA A 203 -17.87 9.87 -1.56
N TRP A 204 -16.90 10.72 -1.25
CA TRP A 204 -16.40 11.72 -2.21
C TRP A 204 -15.81 11.04 -3.45
N GLY A 205 -15.06 9.96 -3.22
CA GLY A 205 -14.50 9.14 -4.32
C GLY A 205 -15.57 8.50 -5.17
N TRP A 206 -16.64 8.03 -4.53
CA TRP A 206 -17.78 7.46 -5.23
C TRP A 206 -18.48 8.53 -6.06
N ARG A 207 -18.60 9.72 -5.49
CA ARG A 207 -19.18 10.87 -6.20
C ARG A 207 -18.39 11.18 -7.47
N TRP A 208 -17.06 11.16 -7.36
CA TRP A 208 -16.18 11.40 -8.50
C TRP A 208 -16.42 10.40 -9.63
N TYR A 209 -16.57 9.12 -9.27
CA TYR A 209 -16.91 8.09 -10.26
C TYR A 209 -18.23 8.40 -10.95
N LEU A 210 -19.27 8.66 -10.15
CA LEU A 210 -20.62 8.88 -10.65
C LEU A 210 -20.76 10.14 -11.50
N ARG A 211 -20.05 11.20 -11.12
CA ARG A 211 -20.19 12.51 -11.74
C ARG A 211 -19.09 12.87 -12.74
N VAL A 212 -17.93 12.22 -12.67
CA VAL A 212 -16.81 12.61 -13.52
C VAL A 212 -16.19 11.48 -14.34
N SER A 213 -15.72 10.43 -13.68
CA SER A 213 -14.85 9.45 -14.31
C SER A 213 -15.54 8.33 -15.11
N ARG A 214 -16.73 7.91 -14.68
CA ARG A 214 -17.43 6.83 -15.39
C ARG A 214 -17.76 7.22 -16.84
N PRO A 215 -17.71 6.25 -17.77
CA PRO A 215 -17.95 6.53 -19.19
C PRO A 215 -19.28 7.26 -19.47
N GLY A 216 -20.31 6.96 -18.70
CA GLY A 216 -21.63 7.55 -18.92
C GLY A 216 -21.91 8.85 -18.18
N ALA A 217 -20.91 9.38 -17.47
CA ALA A 217 -21.07 10.60 -16.68
C ALA A 217 -21.56 11.79 -17.53
N GLU A 218 -22.53 12.53 -17.00
CA GLU A 218 -23.09 13.68 -17.69
C GLU A 218 -22.18 14.87 -17.50
N THR A 219 -21.53 15.31 -18.57
CA THR A 219 -20.56 16.42 -18.49
C THR A 219 -20.79 17.54 -19.52
N SER A 220 -22.01 18.08 -19.54
CA SER A 220 -22.30 19.30 -20.29
C SER A 220 -21.80 20.51 -19.49
N SER A 221 -21.94 21.71 -20.05
CA SER A 221 -21.45 22.94 -19.40
C SER A 221 -22.23 23.31 -18.15
N ARG A 222 -23.56 23.13 -18.19
CA ARG A 222 -24.43 23.38 -17.04
C ARG A 222 -24.29 22.28 -15.98
N SER A 223 -23.89 21.08 -16.43
CA SER A 223 -23.62 19.95 -15.56
C SER A 223 -22.39 20.23 -14.69
N LEU A 224 -21.36 20.82 -15.31
CA LEU A 224 -20.17 21.25 -14.59
C LEU A 224 -20.47 22.42 -13.66
N GLN A 225 -21.43 23.26 -14.06
CA GLN A 225 -21.89 24.37 -13.23
C GLN A 225 -22.57 23.87 -11.97
N ASP A 226 -23.46 22.88 -12.12
CA ASP A 226 -24.13 22.24 -11.00
C ASP A 226 -23.12 21.62 -10.02
N GLU A 227 -22.09 20.98 -10.56
CA GLU A 227 -21.09 20.31 -9.74
C GLU A 227 -20.29 21.31 -8.91
N LEU A 228 -19.89 22.43 -9.52
CA LEU A 228 -19.19 23.50 -8.82
C LEU A 228 -20.02 24.07 -7.66
N ILE A 229 -21.32 24.23 -7.88
CA ILE A 229 -22.23 24.72 -6.83
C ILE A 229 -22.25 23.74 -5.65
N TYR A 230 -22.31 22.45 -5.94
CA TYR A 230 -22.30 21.42 -4.92
C TYR A 230 -20.99 21.41 -4.10
N ILE A 231 -19.86 21.50 -4.80
CA ILE A 231 -18.54 21.50 -4.15
C ILE A 231 -18.37 22.71 -3.23
N LEU A 232 -18.67 23.89 -3.76
CA LEU A 232 -18.59 25.15 -3.00
C LEU A 232 -19.48 25.14 -1.77
N LYS A 233 -20.72 24.66 -1.93
CA LYS A 233 -21.66 24.52 -0.80
C LYS A 233 -21.14 23.56 0.27
N SER A 234 -20.43 22.52 -0.16
CA SER A 234 -19.79 21.58 0.75
C SER A 234 -18.66 22.25 1.52
N ILE A 235 -17.87 23.07 0.82
CA ILE A 235 -16.80 23.82 1.43
C ILE A 235 -17.34 24.83 2.45
N HIS A 236 -18.40 25.56 2.08
CA HIS A 236 -18.99 26.54 2.98
C HIS A 236 -19.61 25.89 4.22
N LEU A 237 -20.11 24.66 4.04
CA LEU A 237 -20.66 23.88 5.15
C LEU A 237 -19.56 23.45 6.13
N ILE A 238 -18.45 22.93 5.58
CA ILE A 238 -17.31 22.47 6.40
C ILE A 238 -15.98 22.97 5.79
N PRO A 239 -15.61 24.24 6.08
CA PRO A 239 -14.43 24.87 5.47
C PRO A 239 -13.08 24.15 5.67
N HIS A 240 -12.95 23.38 6.76
CA HIS A 240 -11.71 22.67 7.04
C HIS A 240 -11.71 21.24 6.51
N ASN A 241 -12.72 20.89 5.72
CA ASN A 241 -12.83 19.55 5.13
C ASN A 241 -11.87 19.35 3.96
N VAL A 242 -10.76 18.67 4.23
CA VAL A 242 -9.73 18.38 3.22
C VAL A 242 -10.30 17.62 2.01
N SER A 243 -11.27 16.75 2.26
CA SER A 243 -11.96 16.02 1.18
C SER A 243 -12.58 16.95 0.14
N ALA A 244 -13.33 17.95 0.62
CA ALA A 244 -13.99 18.91 -0.26
C ALA A 244 -13.00 19.72 -1.09
N TRP A 245 -11.92 20.18 -0.46
CA TRP A 245 -10.86 20.91 -1.15
C TRP A 245 -10.16 20.08 -2.24
N ASN A 246 -9.79 18.85 -1.90
CA ASN A 246 -9.16 17.94 -2.86
C ASN A 246 -10.06 17.68 -4.07
N TYR A 247 -11.36 17.50 -3.82
CA TYR A 247 -12.34 17.33 -4.88
C TYR A 247 -12.44 18.57 -5.76
N LEU A 248 -12.48 19.75 -5.14
CA LEU A 248 -12.49 21.01 -5.87
C LEU A 248 -11.29 21.13 -6.80
N ARG A 249 -10.10 20.90 -6.23
CA ARG A 249 -8.85 21.03 -6.97
C ARG A 249 -8.76 20.01 -8.11
N GLY A 250 -9.20 18.79 -7.84
CA GLY A 250 -9.22 17.73 -8.86
C GLY A 250 -10.21 18.01 -9.97
N PHE A 251 -11.36 18.57 -9.60
CA PHE A 251 -12.41 18.93 -10.55
C PHE A 251 -11.93 19.99 -11.55
N LEU A 252 -11.38 21.09 -11.03
CA LEU A 252 -10.92 22.19 -11.88
C LEU A 252 -9.78 21.77 -12.80
N LYS A 253 -8.90 20.93 -12.29
CA LYS A 253 -7.76 20.43 -13.04
C LYS A 253 -8.19 19.48 -14.17
N HIS A 254 -9.10 18.57 -13.85
CA HIS A 254 -9.60 17.57 -14.81
C HIS A 254 -10.32 18.22 -15.99
N PHE A 255 -11.09 19.27 -15.73
CA PHE A 255 -11.85 19.96 -16.78
C PHE A 255 -11.19 21.25 -17.27
N SER A 256 -9.91 21.43 -16.92
CA SER A 256 -9.13 22.62 -17.32
C SER A 256 -9.87 23.94 -17.10
N LEU A 257 -10.41 24.12 -15.89
CA LEU A 257 -11.18 25.31 -15.55
C LEU A 257 -10.34 26.29 -14.73
N PRO A 258 -10.37 27.58 -15.08
CA PRO A 258 -9.62 28.62 -14.38
C PRO A 258 -10.04 28.75 -12.91
N LEU A 259 -9.07 29.02 -12.04
CA LEU A 259 -9.31 29.17 -10.61
C LEU A 259 -9.79 30.58 -10.26
N VAL A 260 -9.32 31.56 -11.03
CA VAL A 260 -9.60 32.98 -10.77
C VAL A 260 -11.09 33.35 -10.65
N PRO A 261 -11.94 32.87 -11.60
CA PRO A 261 -13.36 33.24 -11.51
C PRO A 261 -14.07 32.73 -10.25
N ILE A 262 -13.55 31.65 -9.67
CA ILE A 262 -14.13 31.05 -8.47
C ILE A 262 -13.52 31.65 -7.19
N LEU A 263 -12.40 32.36 -7.35
CA LEU A 263 -11.63 32.92 -6.23
C LEU A 263 -12.43 33.74 -5.19
N PRO A 264 -13.42 34.55 -5.63
CA PRO A 264 -14.20 35.31 -4.64
C PRO A 264 -14.87 34.45 -3.57
N ALA A 265 -15.20 33.21 -3.91
CA ALA A 265 -15.84 32.28 -2.97
C ALA A 265 -14.86 31.67 -1.96
N ILE A 266 -13.57 31.73 -2.28
CA ILE A 266 -12.51 31.12 -1.45
C ILE A 266 -11.76 32.17 -0.63
N LEU A 267 -11.65 33.37 -1.21
CA LEU A 267 -10.87 34.48 -0.62
C LEU A 267 -11.11 34.75 0.87
N PRO A 268 -12.38 34.69 1.35
CA PRO A 268 -12.62 34.88 2.79
C PRO A 268 -11.90 33.89 3.71
N TYR A 269 -11.64 32.68 3.23
CA TYR A 269 -10.95 31.66 4.03
C TYR A 269 -9.42 31.84 4.06
N THR A 270 -8.93 32.88 3.38
CA THR A 270 -7.49 33.17 3.34
C THR A 270 -7.10 34.32 4.27
N ALA A 271 -8.08 35.09 4.73
CA ALA A 271 -7.84 36.25 5.58
C ALA A 271 -7.43 35.85 6.99
N PHE A 286 -22.11 31.91 -7.98
CA PHE A 286 -21.58 30.84 -7.14
C PHE A 286 -21.86 31.11 -5.66
N PRO A 287 -22.07 30.03 -4.87
CA PRO A 287 -22.27 30.16 -3.42
C PRO A 287 -21.11 30.85 -2.71
N MET A 288 -21.44 31.65 -1.70
CA MET A 288 -20.45 32.38 -0.91
C MET A 288 -20.47 31.88 0.55
N PRO A 289 -19.39 32.15 1.31
CA PRO A 289 -19.37 31.81 2.73
C PRO A 289 -20.53 32.45 3.51
N SER A 290 -21.00 31.76 4.55
CA SER A 290 -22.13 32.25 5.35
C SER A 290 -21.74 33.39 6.30
N PRO A 294 -19.39 30.45 10.26
CA PRO A 294 -19.57 29.26 11.10
C PRO A 294 -18.63 29.27 12.29
N GLU A 295 -19.15 28.93 13.46
CA GLU A 295 -18.34 28.90 14.69
C GLU A 295 -17.28 27.80 14.60
N ASP A 296 -16.16 28.01 15.31
CA ASP A 296 -15.01 27.09 15.28
C ASP A 296 -14.43 26.94 13.86
N THR A 297 -14.16 28.08 13.23
CA THR A 297 -13.55 28.12 11.90
C THR A 297 -12.35 29.09 11.92
N PRO A 298 -11.22 28.66 12.52
CA PRO A 298 -10.04 29.52 12.58
C PRO A 298 -9.45 29.77 11.19
N LEU A 299 -9.11 31.03 10.93
CA LEU A 299 -8.56 31.42 9.64
C LEU A 299 -7.07 31.74 9.74
N PRO A 300 -6.29 31.49 8.67
CA PRO A 300 -6.75 30.98 7.38
C PRO A 300 -6.74 29.45 7.28
N VAL A 301 -7.52 28.93 6.33
CA VAL A 301 -7.52 27.51 6.01
C VAL A 301 -6.37 27.23 5.04
N PRO A 302 -5.43 26.34 5.43
CA PRO A 302 -4.23 26.04 4.62
C PRO A 302 -4.50 25.80 3.13
N LEU A 303 -5.53 25.03 2.81
CA LEU A 303 -5.83 24.69 1.42
C LEU A 303 -6.49 25.84 0.64
N ALA A 304 -7.09 26.78 1.37
CA ALA A 304 -7.56 28.03 0.77
C ALA A 304 -6.37 28.89 0.34
N LEU A 305 -5.30 28.85 1.14
CA LEU A 305 -4.06 29.55 0.81
C LEU A 305 -3.37 28.93 -0.42
N GLU A 306 -3.36 27.60 -0.48
CA GLU A 306 -2.85 26.88 -1.66
C GLU A 306 -3.63 27.29 -2.91
N TYR A 307 -4.94 27.42 -2.77
CA TYR A 307 -5.81 27.87 -3.85
C TYR A 307 -5.41 29.28 -4.32
N LEU A 308 -5.27 30.20 -3.36
CA LEU A 308 -4.88 31.58 -3.64
C LEU A 308 -3.52 31.64 -4.34
N ALA A 309 -2.58 30.82 -3.87
CA ALA A 309 -1.25 30.73 -4.44
C ALA A 309 -1.25 30.24 -5.88
N ASP A 310 -2.00 29.16 -6.14
CA ASP A 310 -2.12 28.61 -7.48
C ASP A 310 -2.87 29.53 -8.44
N SER A 311 -3.79 30.33 -7.90
CA SER A 311 -4.51 31.33 -8.69
C SER A 311 -3.60 32.50 -9.11
N PHE A 312 -2.60 32.80 -8.29
CA PHE A 312 -1.57 33.78 -8.64
C PHE A 312 -0.66 33.27 -9.77
N ILE A 313 -0.29 31.99 -9.69
CA ILE A 313 0.53 31.33 -10.72
C ILE A 313 -0.22 31.30 -12.06
N GLU A 314 -1.54 31.11 -11.98
CA GLU A 314 -2.41 31.18 -13.15
C GLU A 314 -2.34 32.57 -13.81
N GLN A 315 -2.25 33.60 -12.98
CA GLN A 315 -2.16 34.99 -13.43
C GLN A 315 -0.73 35.43 -13.75
N ASN A 316 0.22 34.49 -13.73
CA ASN A 316 1.64 34.75 -13.93
C ASN A 316 2.26 35.70 -12.88
N ARG A 317 1.63 35.76 -11.70
CA ARG A 317 2.10 36.57 -10.60
C ARG A 317 2.94 35.71 -9.63
N VAL A 318 4.16 35.39 -10.06
CA VAL A 318 5.02 34.45 -9.34
C VAL A 318 5.53 34.95 -7.99
N ASP A 319 5.76 36.25 -7.87
CA ASP A 319 6.20 36.87 -6.61
C ASP A 319 5.12 36.80 -5.54
N ASP A 320 3.88 37.10 -5.93
CA ASP A 320 2.72 37.04 -5.03
C ASP A 320 2.43 35.61 -4.59
N ALA A 321 2.65 34.66 -5.49
CA ALA A 321 2.50 33.23 -5.20
C ALA A 321 3.55 32.77 -4.20
N ALA A 322 4.79 33.21 -4.39
CA ALA A 322 5.89 32.87 -3.48
C ALA A 322 5.61 33.37 -2.06
N LYS A 323 4.98 34.54 -1.96
CA LYS A 323 4.67 35.18 -0.66
C LYS A 323 3.70 34.37 0.20
N VAL A 324 2.68 33.78 -0.43
CA VAL A 324 1.73 32.93 0.29
C VAL A 324 2.31 31.56 0.62
N PHE A 325 3.13 31.00 -0.29
CA PHE A 325 3.85 29.75 0.00
C PHE A 325 4.77 29.92 1.19
N GLU A 326 5.43 31.08 1.27
CA GLU A 326 6.30 31.44 2.39
C GLU A 326 5.49 31.52 3.69
N LYS A 327 4.31 32.12 3.61
CA LYS A 327 3.42 32.25 4.76
C LYS A 327 2.92 30.89 5.24
N LEU A 328 2.59 30.01 4.30
CA LEU A 328 2.24 28.63 4.62
C LEU A 328 3.40 27.91 5.31
N SER A 329 4.61 28.10 4.78
CA SER A 329 5.83 27.47 5.29
C SER A 329 6.20 27.94 6.70
N SER A 330 6.11 29.24 6.94
CA SER A 330 6.58 29.83 8.20
C SER A 330 5.50 30.03 9.26
N GLU A 331 4.24 30.18 8.84
CA GLU A 331 3.19 30.55 9.79
C GLU A 331 1.96 29.65 9.83
N TYR A 332 1.39 29.33 8.68
CA TYR A 332 0.04 28.76 8.64
C TYR A 332 -0.11 27.25 8.43
N ASP A 333 0.95 26.60 7.98
CA ASP A 333 0.96 25.13 7.84
C ASP A 333 2.40 24.62 8.01
N GLN A 334 2.94 24.81 9.22
CA GLN A 334 4.36 24.61 9.49
C GLN A 334 4.83 23.16 9.46
N MET A 335 3.91 22.21 9.64
CA MET A 335 4.22 20.80 9.52
C MET A 335 4.83 20.51 8.13
N ARG A 336 4.27 21.15 7.11
CA ARG A 336 4.75 21.05 5.74
C ARG A 336 5.69 22.21 5.36
N ALA A 337 6.47 22.71 6.32
CA ALA A 337 7.37 23.85 6.09
C ALA A 337 8.30 23.65 4.89
N GLY A 338 8.92 22.47 4.81
CA GLY A 338 9.84 22.14 3.73
C GLY A 338 9.20 22.06 2.36
N TYR A 339 8.00 21.48 2.32
CA TYR A 339 7.25 21.36 1.06
C TYR A 339 6.82 22.72 0.50
N TRP A 340 6.25 23.57 1.35
CA TRP A 340 5.82 24.90 0.92
C TRP A 340 7.00 25.79 0.51
N GLU A 341 8.15 25.57 1.14
CA GLU A 341 9.40 26.22 0.76
C GLU A 341 9.85 25.77 -0.63
N PHE A 342 9.77 24.46 -0.88
CA PHE A 342 10.01 23.90 -2.22
C PHE A 342 9.13 24.58 -3.27
N ARG A 343 7.83 24.71 -2.99
CA ARG A 343 6.88 25.37 -3.89
C ARG A 343 7.21 26.84 -4.09
N ARG A 344 7.65 27.50 -3.01
CA ARG A 344 8.07 28.89 -3.03
C ARG A 344 9.31 29.09 -3.90
N ARG A 345 10.30 28.21 -3.74
CA ARG A 345 11.55 28.26 -4.51
C ARG A 345 11.34 27.99 -6.00
N GLU A 346 10.22 27.35 -6.33
CA GLU A 346 9.85 27.07 -7.72
C GLU A 346 9.45 28.35 -8.44
N CYS A 347 9.01 29.35 -7.66
CA CYS A 347 8.61 30.65 -8.19
C CYS A 347 9.75 31.66 -8.16
N ALA A 348 10.51 31.65 -7.07
CA ALA A 348 11.63 32.57 -6.89
C ALA A 348 12.95 31.95 -7.37
N ALA B 2 20.01 22.18 8.96
CA ALA B 2 19.44 20.87 8.54
C ALA B 2 17.97 20.71 8.97
N THR B 3 17.61 21.32 10.10
CA THR B 3 16.27 21.19 10.67
C THR B 3 15.41 22.45 10.54
N GLU B 4 15.89 23.42 9.76
CA GLU B 4 15.22 24.71 9.59
C GLU B 4 13.77 24.58 9.12
N PHE B 5 13.53 23.65 8.19
CA PHE B 5 12.22 23.46 7.59
C PHE B 5 11.54 22.17 8.07
N THR B 6 12.06 21.60 9.16
CA THR B 6 11.47 20.43 9.79
C THR B 6 11.25 20.68 11.29
N PRO B 7 10.23 21.50 11.63
CA PRO B 7 10.02 21.84 13.04
C PRO B 7 9.55 20.65 13.88
N SER B 8 10.06 20.59 15.11
CA SER B 8 9.66 19.59 16.08
C SER B 8 8.20 19.78 16.49
N VAL B 9 7.51 18.67 16.76
CA VAL B 9 6.12 18.70 17.26
C VAL B 9 6.02 19.54 18.54
N TYR B 10 7.04 19.43 19.40
CA TYR B 10 7.08 20.18 20.66
C TYR B 10 7.23 21.68 20.49
N SER B 11 7.72 22.12 19.33
CA SER B 11 7.93 23.55 19.07
C SER B 11 6.73 24.20 18.38
N LEU B 12 5.69 23.41 18.11
CA LEU B 12 4.50 23.88 17.42
C LEU B 12 3.27 23.86 18.34
N VAL B 13 2.25 24.64 17.98
CA VAL B 13 1.00 24.68 18.72
C VAL B 13 0.15 23.47 18.34
N SER B 14 -0.30 22.71 19.36
CA SER B 14 -1.18 21.57 19.15
C SER B 14 -2.62 21.98 19.39
N LYS B 15 -3.42 21.94 18.33
CA LYS B 15 -4.86 22.24 18.41
C LYS B 15 -5.66 21.21 17.64
N PRO B 16 -6.89 20.91 18.10
CA PRO B 16 -7.73 19.93 17.42
C PRO B 16 -8.04 20.37 15.99
N LEU B 17 -8.39 19.41 15.13
CA LEU B 17 -8.96 19.75 13.83
C LEU B 17 -10.27 20.49 14.10
N PRO B 18 -10.44 21.69 13.52
CA PRO B 18 -11.64 22.49 13.72
C PRO B 18 -12.92 21.77 13.27
N SER B 19 -14.00 21.97 14.02
CA SER B 19 -15.27 21.28 13.75
C SER B 19 -16.11 22.02 12.72
N ASN B 20 -15.91 23.33 12.61
CA ASN B 20 -16.78 24.21 11.81
C ASN B 20 -18.26 24.11 12.24
N SER B 21 -18.47 23.77 13.51
CA SER B 21 -19.81 23.54 14.09
C SER B 21 -20.56 22.42 13.37
N ARG B 22 -19.82 21.52 12.72
CA ARG B 22 -20.42 20.44 11.96
C ARG B 22 -19.87 19.10 12.47
N PRO B 23 -20.54 18.51 13.50
CA PRO B 23 -20.10 17.22 14.01
C PRO B 23 -20.40 16.08 13.03
N SER B 24 -19.52 15.07 13.03
CA SER B 24 -19.73 13.84 12.25
C SER B 24 -18.96 12.71 12.87
N ALA B 25 -19.26 11.47 12.46
CA ALA B 25 -18.58 10.28 12.96
C ALA B 25 -17.07 10.34 12.77
N THR B 26 -16.64 10.87 11.62
CA THR B 26 -15.22 11.09 11.32
C THR B 26 -14.54 11.96 12.37
N LEU B 27 -15.16 13.10 12.69
CA LEU B 27 -14.60 14.06 13.65
C LEU B 27 -14.59 13.49 15.07
N ASP B 28 -15.62 12.72 15.42
CA ASP B 28 -15.67 12.04 16.70
C ASP B 28 -14.45 11.13 16.89
N GLU B 29 -14.16 10.33 15.86
CA GLU B 29 -13.00 9.43 15.86
C GLU B 29 -11.68 10.20 15.86
N GLN B 30 -11.62 11.25 15.06
CA GLN B 30 -10.41 12.07 14.97
C GLN B 30 -10.07 12.74 16.31
N ALA B 31 -11.07 13.37 16.94
CA ALA B 31 -10.89 14.04 18.24
C ALA B 31 -10.42 13.08 19.32
N GLU B 32 -10.97 11.87 19.32
CA GLU B 32 -10.58 10.81 20.25
C GLU B 32 -9.12 10.40 20.08
N THR B 33 -8.69 10.23 18.83
CA THR B 33 -7.31 9.88 18.51
C THR B 33 -6.35 11.03 18.85
N GLU B 34 -6.74 12.25 18.51
CA GLU B 34 -5.99 13.45 18.86
C GLU B 34 -5.70 13.52 20.36
N ASP B 35 -6.69 13.12 21.16
CA ASP B 35 -6.54 13.09 22.62
C ASP B 35 -5.54 12.03 23.07
N LEU B 36 -5.68 10.81 22.55
CA LEU B 36 -4.77 9.71 22.85
C LEU B 36 -3.30 10.07 22.59
N ILE B 37 -3.03 10.65 21.41
CA ILE B 37 -1.66 10.95 21.00
C ILE B 37 -1.06 12.15 21.73
N SER B 38 -1.80 13.26 21.79
CA SER B 38 -1.32 14.50 22.42
C SER B 38 -1.04 14.34 23.91
N GLN B 39 -1.85 13.53 24.59
CA GLN B 39 -1.64 13.23 26.01
C GLN B 39 -0.36 12.44 26.26
N LEU B 40 -0.05 11.52 25.34
CA LEU B 40 1.20 10.77 25.44
C LEU B 40 2.40 11.67 25.19
N PHE B 41 2.26 12.60 24.24
CA PHE B 41 3.29 13.60 24.00
C PHE B 41 3.54 14.49 25.23
N ASP B 42 2.46 14.84 25.93
CA ASP B 42 2.55 15.62 27.18
C ASP B 42 3.23 14.86 28.31
N LEU B 43 3.02 13.54 28.35
CA LEU B 43 3.63 12.64 29.33
C LEU B 43 5.11 12.33 29.06
N THR B 44 5.55 12.60 27.83
CA THR B 44 6.87 12.19 27.37
C THR B 44 7.79 13.41 27.22
N ALA B 45 9.04 13.24 27.65
CA ALA B 45 10.06 14.27 27.47
C ALA B 45 10.36 14.50 25.99
N ASP B 46 10.57 15.77 25.64
CA ASP B 46 10.97 16.18 24.30
C ASP B 46 12.31 15.53 23.95
N PRO B 47 12.34 14.68 22.90
CA PRO B 47 13.57 13.99 22.49
C PRO B 47 14.72 14.95 22.15
N ASN B 48 14.38 16.16 21.72
CA ASN B 48 15.36 17.16 21.29
C ASN B 48 16.06 17.90 22.43
N ALA B 49 15.47 17.86 23.63
CA ALA B 49 15.96 18.64 24.77
C ALA B 49 17.26 18.11 25.37
N LEU B 50 18.10 19.03 25.85
CA LEU B 50 19.31 18.66 26.59
C LEU B 50 18.94 18.29 28.02
N VAL B 51 18.29 19.21 28.72
CA VAL B 51 17.78 18.96 30.07
C VAL B 51 16.48 18.14 29.96
N SER B 52 16.64 16.84 29.78
CA SER B 52 15.50 15.91 29.72
C SER B 52 14.77 15.99 31.05
N GLU B 53 13.59 16.63 31.03
CA GLU B 53 12.90 17.05 32.26
C GLU B 53 12.47 15.92 33.19
N HIS B 54 12.60 16.20 34.48
CA HIS B 54 12.37 15.23 35.56
C HIS B 54 10.91 14.79 35.64
N GLY B 55 10.71 13.48 35.79
CA GLY B 55 9.37 12.91 35.91
C GLY B 55 8.75 12.43 34.61
N LYS B 56 9.23 12.96 33.48
CA LYS B 56 8.66 12.63 32.18
C LYS B 56 9.26 11.37 31.58
N ARG B 57 8.46 10.68 30.77
CA ARG B 57 8.87 9.42 30.15
C ARG B 57 9.97 9.66 29.12
N TYR B 58 10.99 8.80 29.13
CA TYR B 58 12.08 8.90 28.17
C TYR B 58 11.67 8.25 26.85
N SER B 59 11.93 8.95 25.74
CA SER B 59 11.48 8.54 24.42
C SER B 59 12.53 7.80 23.60
N GLY B 60 13.69 7.50 24.19
CA GLY B 60 14.74 6.77 23.49
C GLY B 60 14.24 5.48 22.85
N LEU B 61 14.79 5.15 21.68
CA LEU B 61 14.44 3.93 21.00
C LEU B 61 14.88 2.72 21.83
N ARG B 62 13.90 1.92 22.24
CA ARG B 62 14.15 0.78 23.12
C ARG B 62 14.47 -0.47 22.32
N LYS B 63 15.66 -0.45 21.72
CA LYS B 63 16.10 -1.44 20.73
C LYS B 63 16.10 -2.87 21.27
N GLN B 64 16.53 -3.03 22.52
CA GLN B 64 16.60 -4.34 23.15
C GLN B 64 15.22 -4.90 23.46
N GLU B 65 14.28 -4.04 23.86
CA GLU B 65 12.89 -4.43 24.06
C GLU B 65 12.25 -4.90 22.75
N HIS B 66 12.58 -4.23 21.65
CA HIS B 66 12.04 -4.58 20.35
C HIS B 66 12.68 -5.86 19.81
N THR B 67 13.95 -6.06 20.14
CA THR B 67 14.65 -7.29 19.78
C THR B 67 14.00 -8.49 20.49
N GLN B 68 13.72 -8.32 21.78
CA GLN B 68 13.06 -9.35 22.59
C GLN B 68 11.65 -9.67 22.07
N PHE B 69 10.88 -8.64 21.75
CA PHE B 69 9.54 -8.80 21.17
C PHE B 69 9.56 -9.70 19.93
N LEU B 70 10.53 -9.47 19.07
CA LEU B 70 10.69 -10.24 17.84
C LEU B 70 11.23 -11.65 18.10
N ALA B 71 12.13 -11.77 19.07
CA ALA B 71 12.72 -13.06 19.42
C ALA B 71 11.68 -14.01 20.01
N SER B 72 10.81 -13.47 20.86
CA SER B 72 9.82 -14.23 21.61
C SER B 72 8.80 -14.96 20.73
N SER B 73 8.53 -14.41 19.54
CA SER B 73 7.56 -15.01 18.64
C SER B 73 8.19 -15.51 17.33
N PHE B 74 9.51 -15.49 17.26
CA PHE B 74 10.23 -15.91 16.06
C PHE B 74 10.32 -17.43 15.93
N PHE B 75 10.30 -18.11 17.08
CA PHE B 75 10.46 -19.56 17.12
C PHE B 75 9.20 -20.33 17.49
N GLN B 76 8.16 -19.62 17.89
CA GLN B 76 6.87 -20.22 18.22
C GLN B 76 5.78 -19.16 18.29
N LEU B 77 4.69 -19.41 17.58
CA LEU B 77 3.52 -18.53 17.58
C LEU B 77 2.32 -19.27 18.14
N PRO B 78 1.51 -18.59 18.98
CA PRO B 78 0.29 -19.17 19.54
C PRO B 78 -0.76 -19.46 18.47
N GLY B 79 -1.76 -20.27 18.83
CA GLY B 79 -2.82 -20.69 17.92
C GLY B 79 -3.63 -19.58 17.27
N LYS B 80 -3.71 -18.43 17.92
CA LYS B 80 -4.43 -17.26 17.40
C LYS B 80 -3.80 -16.67 16.13
N PHE B 81 -2.51 -16.94 15.92
CA PHE B 81 -1.81 -16.50 14.72
C PHE B 81 -2.21 -17.26 13.46
N VAL B 82 -3.17 -18.18 13.60
CA VAL B 82 -3.68 -18.97 12.47
C VAL B 82 -4.27 -18.07 11.37
N SER B 83 -4.77 -16.89 11.76
CA SER B 83 -5.26 -15.90 10.81
C SER B 83 -4.14 -15.42 9.86
N LEU B 84 -2.90 -15.66 10.24
CA LEU B 84 -1.74 -15.33 9.39
C LEU B 84 -1.02 -16.56 8.83
N ASP B 85 -1.69 -17.72 8.85
CA ASP B 85 -1.11 -18.96 8.34
C ASP B 85 -0.77 -18.88 6.85
N ALA B 86 -1.55 -18.09 6.11
CA ALA B 86 -1.30 -17.86 4.70
C ALA B 86 -0.30 -16.72 4.46
N SER B 87 0.33 -16.23 5.53
CA SER B 87 1.26 -15.10 5.45
C SER B 87 2.57 -15.30 6.23
N ARG B 88 2.97 -16.55 6.42
CA ARG B 88 4.18 -16.84 7.22
C ARG B 88 5.50 -16.29 6.66
N PRO B 89 5.63 -16.15 5.32
CA PRO B 89 6.83 -15.48 4.78
C PRO B 89 6.91 -14.00 5.15
N TRP B 90 5.76 -13.36 5.35
CA TRP B 90 5.71 -11.98 5.85
C TRP B 90 6.18 -11.90 7.30
N LEU B 91 5.80 -12.89 8.11
CA LEU B 91 6.27 -12.95 9.50
C LEU B 91 7.80 -13.09 9.54
N VAL B 92 8.34 -13.88 8.62
CA VAL B 92 9.79 -13.96 8.43
C VAL B 92 10.35 -12.59 8.04
N PHE B 93 9.78 -11.98 6.99
CA PHE B 93 10.29 -10.70 6.50
C PHE B 93 10.27 -9.62 7.57
N TRP B 94 9.13 -9.46 8.24
CA TRP B 94 9.00 -8.43 9.28
C TRP B 94 10.06 -8.58 10.36
N THR B 95 10.35 -9.81 10.76
CA THR B 95 11.35 -10.09 11.79
C THR B 95 12.78 -9.80 11.30
N VAL B 96 13.18 -10.44 10.20
CA VAL B 96 14.57 -10.34 9.75
C VAL B 96 14.97 -8.95 9.24
N HIS B 97 14.01 -8.25 8.63
CA HIS B 97 14.24 -6.87 8.20
C HIS B 97 14.31 -5.93 9.42
N SER B 98 13.39 -6.11 10.38
CA SER B 98 13.44 -5.34 11.62
C SER B 98 14.79 -5.51 12.34
N LEU B 99 15.26 -6.76 12.45
CA LEU B 99 16.55 -7.04 13.08
C LEU B 99 17.71 -6.38 12.33
N ASP B 100 17.64 -6.39 11.00
CA ASP B 100 18.62 -5.68 10.16
C ASP B 100 18.66 -4.19 10.50
N LEU B 101 17.49 -3.56 10.54
CA LEU B 101 17.38 -2.14 10.89
C LEU B 101 17.90 -1.86 12.31
N LEU B 102 17.56 -2.75 13.24
CA LEU B 102 17.99 -2.61 14.64
C LEU B 102 19.46 -2.96 14.87
N GLY B 103 20.11 -3.49 13.84
CA GLY B 103 21.53 -3.83 13.91
C GLY B 103 21.83 -5.08 14.72
N VAL B 104 20.86 -5.98 14.80
CA VAL B 104 21.01 -7.23 15.53
C VAL B 104 21.27 -8.35 14.53
N ALA B 105 22.41 -9.02 14.69
CA ALA B 105 22.82 -10.10 13.80
C ALA B 105 22.19 -11.44 14.23
N LEU B 106 21.76 -12.22 13.25
CA LEU B 106 21.37 -13.61 13.50
C LEU B 106 22.60 -14.49 13.28
N ASP B 107 22.78 -15.51 14.13
CA ASP B 107 23.84 -16.49 13.90
C ASP B 107 23.55 -17.35 12.67
N GLN B 108 24.58 -18.01 12.15
CA GLN B 108 24.45 -18.80 10.92
C GLN B 108 23.43 -19.94 11.03
N GLY B 109 23.40 -20.58 12.20
CA GLY B 109 22.44 -21.65 12.47
C GLY B 109 21.00 -21.23 12.33
N THR B 110 20.67 -20.02 12.80
CA THR B 110 19.33 -19.47 12.71
C THR B 110 19.01 -19.01 11.28
N LYS B 111 19.99 -18.40 10.63
CA LYS B 111 19.88 -18.03 9.20
C LYS B 111 19.58 -19.25 8.33
N ASP B 112 20.27 -20.36 8.60
CA ASP B 112 20.06 -21.61 7.86
C ASP B 112 18.62 -22.10 8.03
N ARG B 113 18.09 -21.97 9.24
CA ARG B 113 16.70 -22.31 9.52
C ARG B 113 15.74 -21.44 8.72
N VAL B 114 16.02 -20.13 8.65
CA VAL B 114 15.22 -19.20 7.87
C VAL B 114 15.20 -19.58 6.38
N VAL B 115 16.39 -19.82 5.82
CA VAL B 115 16.53 -20.28 4.44
C VAL B 115 15.74 -21.58 4.18
N SER B 116 15.95 -22.58 5.03
CA SER B 116 15.24 -23.86 4.92
C SER B 116 13.71 -23.70 4.94
N THR B 117 13.20 -22.89 5.87
CA THR B 117 11.76 -22.65 6.01
C THR B 117 11.17 -22.09 4.71
N LEU B 118 11.85 -21.11 4.15
CA LEU B 118 11.39 -20.41 2.96
C LEU B 118 11.47 -21.25 1.69
N LEU B 119 12.54 -22.02 1.54
CA LEU B 119 12.70 -22.89 0.37
C LEU B 119 11.60 -23.95 0.27
N HIS B 120 11.07 -24.37 1.41
CA HIS B 120 9.95 -25.30 1.45
C HIS B 120 8.65 -24.65 0.99
N PHE B 121 8.63 -23.32 0.96
CA PHE B 121 7.50 -22.56 0.43
C PHE B 121 7.57 -22.45 -1.11
N LEU B 122 8.71 -22.79 -1.68
CA LEU B 122 8.91 -22.69 -3.13
C LEU B 122 8.30 -23.90 -3.83
N SER B 123 7.36 -23.65 -4.73
CA SER B 123 6.79 -24.73 -5.52
C SER B 123 7.57 -24.87 -6.84
N PRO B 124 7.80 -26.12 -7.28
CA PRO B 124 8.51 -26.42 -8.54
C PRO B 124 7.95 -25.70 -9.76
N LYS B 125 6.64 -25.45 -9.79
CA LYS B 125 6.00 -24.75 -10.91
C LYS B 125 6.28 -23.24 -10.91
N GLY B 126 6.89 -22.74 -9.84
CA GLY B 126 7.31 -21.35 -9.77
C GLY B 126 6.58 -20.54 -8.72
N GLY B 127 7.34 -19.74 -7.98
CA GLY B 127 6.79 -18.84 -6.97
C GLY B 127 6.71 -19.43 -5.57
N PHE B 128 6.67 -18.55 -4.59
CA PHE B 128 6.50 -18.94 -3.19
C PHE B 128 5.05 -18.73 -2.76
N GLY B 129 4.56 -19.62 -1.90
CA GLY B 129 3.25 -19.47 -1.27
C GLY B 129 3.39 -19.09 0.19
N GLY B 130 2.25 -18.88 0.85
CA GLY B 130 2.22 -18.47 2.25
C GLY B 130 2.55 -19.58 3.25
N GLY B 131 2.83 -20.76 2.73
CA GLY B 131 3.20 -21.93 3.52
C GLY B 131 3.91 -22.94 2.64
N PRO B 132 4.17 -24.16 3.17
CA PRO B 132 4.82 -25.20 2.37
C PRO B 132 4.10 -25.47 1.04
N ALA B 133 4.88 -25.83 0.01
CA ALA B 133 4.36 -26.10 -1.33
C ALA B 133 3.28 -27.19 -1.39
N ASN B 134 3.32 -28.13 -0.44
CA ASN B 134 2.29 -29.17 -0.38
C ASN B 134 1.02 -28.72 0.36
N SER B 135 0.99 -27.46 0.77
CA SER B 135 -0.11 -26.89 1.56
C SER B 135 -0.75 -25.67 0.91
N GLN B 136 0.04 -24.86 0.23
CA GLN B 136 -0.44 -23.60 -0.34
C GLN B 136 0.10 -23.35 -1.75
N ILE B 137 -0.72 -22.74 -2.59
CA ILE B 137 -0.32 -22.39 -3.96
C ILE B 137 0.52 -21.11 -3.96
N PRO B 138 1.33 -20.90 -5.03
CA PRO B 138 2.14 -19.68 -5.10
C PRO B 138 1.29 -18.41 -5.17
N HIS B 139 1.86 -17.31 -4.69
CA HIS B 139 1.19 -16.03 -4.57
C HIS B 139 2.27 -14.96 -4.73
N LEU B 140 1.95 -13.85 -5.40
CA LEU B 140 2.93 -12.78 -5.65
C LEU B 140 3.47 -12.12 -4.37
N LEU B 141 2.63 -12.01 -3.35
CA LEU B 141 3.02 -11.31 -2.12
C LEU B 141 4.04 -12.08 -1.25
N PRO B 142 3.76 -13.36 -0.91
CA PRO B 142 4.81 -14.17 -0.27
C PRO B 142 6.04 -14.44 -1.15
N THR B 143 5.90 -14.36 -2.46
CA THR B 143 7.06 -14.42 -3.35
C THR B 143 8.00 -13.25 -3.05
N TYR B 144 7.47 -12.03 -2.97
CA TYR B 144 8.27 -10.86 -2.58
C TYR B 144 8.87 -11.02 -1.19
N ALA B 145 8.04 -11.42 -0.23
CA ALA B 145 8.48 -11.55 1.16
C ALA B 145 9.56 -12.61 1.33
N SER B 146 9.44 -13.72 0.59
CA SER B 146 10.42 -14.81 0.64
C SER B 146 11.73 -14.40 -0.01
N VAL B 147 11.65 -13.78 -1.18
CA VAL B 147 12.83 -13.32 -1.93
C VAL B 147 13.64 -12.29 -1.14
N CYS B 148 12.94 -11.31 -0.56
CA CYS B 148 13.58 -10.30 0.28
C CYS B 148 14.20 -10.91 1.52
N SER B 149 13.50 -11.87 2.13
CA SER B 149 14.03 -12.56 3.32
C SER B 149 15.27 -13.38 3.02
N LEU B 150 15.34 -13.91 1.79
CA LEU B 150 16.53 -14.64 1.34
C LEU B 150 17.69 -13.69 1.06
N ALA B 151 17.39 -12.49 0.58
CA ALA B 151 18.40 -11.43 0.45
C ALA B 151 18.97 -11.05 1.82
N ILE B 152 18.13 -11.10 2.84
CA ILE B 152 18.54 -10.69 4.19
C ILE B 152 19.28 -11.79 4.95
N ALA B 153 18.77 -13.01 4.89
CA ALA B 153 19.28 -14.11 5.72
C ALA B 153 20.09 -15.16 4.97
N GLY B 154 20.12 -15.07 3.63
CA GLY B 154 20.79 -16.06 2.81
C GLY B 154 22.20 -15.70 2.37
N ASN B 155 22.79 -16.56 1.55
CA ASN B 155 24.15 -16.37 1.05
C ASN B 155 24.39 -17.18 -0.24
N ASP B 156 25.60 -17.08 -0.78
CA ASP B 156 25.93 -17.71 -2.07
C ASP B 156 26.51 -19.13 -1.98
N SER B 157 26.47 -19.74 -0.79
CA SER B 157 26.90 -21.14 -0.64
C SER B 157 25.76 -22.10 -1.01
N SER B 158 26.04 -23.40 -1.00
CA SER B 158 25.06 -24.41 -1.40
C SER B 158 23.86 -24.50 -0.45
N THR B 159 24.04 -24.10 0.80
CA THR B 159 22.94 -24.10 1.77
C THR B 159 22.38 -22.69 1.98
N GLY B 160 22.78 -21.75 1.12
CA GLY B 160 22.44 -20.34 1.27
C GLY B 160 21.14 -19.88 0.64
N GLY B 161 20.55 -20.72 -0.21
CA GLY B 161 19.26 -20.40 -0.82
C GLY B 161 19.28 -19.63 -2.13
N TRP B 162 20.32 -18.81 -2.33
CA TRP B 162 20.43 -17.98 -3.54
C TRP B 162 20.58 -18.84 -4.79
N LYS B 163 21.33 -19.94 -4.65
CA LYS B 163 21.49 -20.95 -5.70
C LYS B 163 20.12 -21.50 -6.12
N ASP B 164 19.27 -21.79 -5.14
CA ASP B 164 17.93 -22.31 -5.41
C ASP B 164 17.05 -21.30 -6.15
N LEU B 165 17.16 -20.02 -5.80
CA LEU B 165 16.46 -18.96 -6.50
C LEU B 165 16.91 -18.86 -7.95
N ALA B 166 18.22 -18.96 -8.16
CA ALA B 166 18.80 -18.93 -9.52
C ALA B 166 18.26 -20.06 -10.40
N ALA B 167 18.17 -21.27 -9.83
CA ALA B 167 17.66 -22.42 -10.57
C ALA B 167 16.16 -22.29 -10.85
N ALA B 168 15.46 -21.55 -9.98
CA ALA B 168 14.01 -21.36 -10.10
C ALA B 168 13.61 -20.18 -11.00
N ARG B 169 14.59 -19.48 -11.57
CA ARG B 169 14.33 -18.27 -12.37
C ARG B 169 13.31 -18.44 -13.49
N GLN B 170 13.45 -19.52 -14.27
CA GLN B 170 12.54 -19.79 -15.39
C GLN B 170 11.12 -20.08 -14.91
N SER B 171 10.98 -20.91 -13.87
CA SER B 171 9.66 -21.27 -13.33
C SER B 171 8.94 -20.10 -12.65
N ILE B 172 9.70 -19.26 -11.94
CA ILE B 172 9.14 -18.04 -11.32
C ILE B 172 8.63 -17.08 -12.40
N TYR B 173 9.41 -16.94 -13.46
CA TYR B 173 9.01 -16.14 -14.62
C TYR B 173 7.70 -16.64 -15.25
N GLU B 174 7.59 -17.97 -15.39
CA GLU B 174 6.40 -18.59 -15.96
C GLU B 174 5.18 -18.39 -15.08
N PHE B 175 5.38 -18.46 -13.76
CA PHE B 175 4.33 -18.14 -12.78
C PHE B 175 3.88 -16.68 -12.94
N PHE B 176 4.85 -15.78 -13.10
CA PHE B 176 4.56 -14.37 -13.35
C PHE B 176 3.73 -14.18 -14.63
N MET B 177 4.08 -14.91 -15.68
CA MET B 177 3.36 -14.84 -16.95
C MET B 177 1.94 -15.44 -16.89
N ARG B 178 1.74 -16.44 -16.03
CA ARG B 178 0.40 -16.98 -15.79
C ARG B 178 -0.49 -15.99 -15.05
N CYS B 179 0.13 -15.13 -14.24
CA CYS B 179 -0.60 -14.11 -13.49
C CYS B 179 -1.00 -12.92 -14.35
N LYS B 180 -0.33 -12.75 -15.49
CA LYS B 180 -0.52 -11.58 -16.33
C LYS B 180 -1.89 -11.53 -17.00
N ARG B 181 -2.50 -10.34 -16.97
CA ARG B 181 -3.75 -10.08 -17.70
C ARG B 181 -3.46 -9.09 -18.83
N PRO B 182 -4.25 -9.16 -19.93
CA PRO B 182 -4.04 -8.31 -21.11
C PRO B 182 -4.01 -6.80 -20.82
N ASP B 183 -4.78 -6.34 -19.84
CA ASP B 183 -4.87 -4.92 -19.53
C ASP B 183 -3.63 -4.37 -18.78
N GLY B 184 -2.74 -5.27 -18.36
CA GLY B 184 -1.52 -4.89 -17.67
C GLY B 184 -1.53 -5.18 -16.19
N GLY B 185 -2.68 -5.64 -15.68
CA GLY B 185 -2.78 -6.06 -14.29
C GLY B 185 -2.28 -7.48 -14.10
N PHE B 186 -1.97 -7.82 -12.86
CA PHE B 186 -1.61 -9.19 -12.48
C PHE B 186 -2.57 -9.69 -11.42
N VAL B 187 -3.02 -10.93 -11.54
CA VAL B 187 -3.68 -11.60 -10.43
C VAL B 187 -2.59 -11.97 -9.41
N VAL B 188 -2.94 -11.94 -8.13
CA VAL B 188 -1.96 -12.23 -7.09
C VAL B 188 -1.64 -13.73 -7.02
N CYS B 189 -2.62 -14.55 -7.41
CA CYS B 189 -2.48 -16.00 -7.48
C CYS B 189 -3.54 -16.55 -8.43
N GLU B 190 -3.50 -17.85 -8.70
CA GLU B 190 -4.49 -18.49 -9.55
C GLU B 190 -5.91 -18.21 -9.03
N GLY B 191 -6.76 -17.68 -9.90
CA GLY B 191 -8.12 -17.29 -9.54
C GLY B 191 -8.21 -16.15 -8.53
N GLY B 192 -7.08 -15.46 -8.32
CA GLY B 192 -6.99 -14.41 -7.30
C GLY B 192 -7.33 -13.01 -7.80
N GLU B 193 -7.27 -12.05 -6.90
CA GLU B 193 -7.61 -10.66 -7.22
C GLU B 193 -6.50 -9.93 -7.99
N VAL B 194 -6.91 -8.91 -8.73
CA VAL B 194 -6.00 -8.02 -9.45
C VAL B 194 -5.81 -6.74 -8.65
N ASP B 195 -4.58 -6.45 -8.27
CA ASP B 195 -4.25 -5.15 -7.67
C ASP B 195 -2.77 -4.79 -7.74
N VAL B 196 -2.49 -3.51 -7.47
CA VAL B 196 -1.17 -2.94 -7.66
C VAL B 196 -0.10 -3.46 -6.67
N ARG B 197 -0.53 -4.07 -5.56
CA ARG B 197 0.41 -4.74 -4.63
C ARG B 197 1.10 -5.92 -5.32
N GLY B 198 0.34 -6.66 -6.13
CA GLY B 198 0.87 -7.75 -6.94
C GLY B 198 1.91 -7.24 -7.92
N THR B 199 1.55 -6.18 -8.64
CA THR B 199 2.47 -5.52 -9.58
C THR B 199 3.79 -5.12 -8.91
N TYR B 200 3.69 -4.47 -7.75
CA TYR B 200 4.88 -4.05 -7.01
C TYR B 200 5.76 -5.25 -6.66
N CYS B 201 5.15 -6.27 -6.06
CA CYS B 201 5.86 -7.46 -5.60
C CYS B 201 6.54 -8.21 -6.74
N LEU B 202 5.83 -8.34 -7.85
CA LEU B 202 6.34 -8.99 -9.04
C LEU B 202 7.51 -8.20 -9.63
N LEU B 203 7.35 -6.88 -9.74
CA LEU B 203 8.38 -6.03 -10.32
C LEU B 203 9.68 -5.98 -9.51
N VAL B 204 9.57 -6.01 -8.18
CA VAL B 204 10.75 -6.11 -7.32
C VAL B 204 11.51 -7.41 -7.61
N VAL B 205 10.79 -8.53 -7.53
CA VAL B 205 11.39 -9.85 -7.73
C VAL B 205 11.99 -10.00 -9.13
N ALA B 206 11.27 -9.53 -10.15
CA ALA B 206 11.73 -9.61 -11.54
C ALA B 206 12.99 -8.78 -11.77
N THR B 207 13.04 -7.62 -11.13
CA THR B 207 14.22 -6.76 -11.17
C THR B 207 15.42 -7.42 -10.50
N LEU B 208 15.21 -8.02 -9.33
CA LEU B 208 16.30 -8.62 -8.55
C LEU B 208 16.88 -9.89 -9.17
N LEU B 209 16.04 -10.65 -9.88
CA LEU B 209 16.46 -11.96 -10.39
C LEU B 209 16.82 -11.97 -11.88
N ASP B 210 16.80 -10.80 -12.52
CA ASP B 210 17.09 -10.66 -13.96
C ASP B 210 16.15 -11.51 -14.81
N ILE B 211 14.85 -11.30 -14.64
CA ILE B 211 13.83 -12.02 -15.41
C ILE B 211 12.81 -11.09 -16.07
N ILE B 212 13.23 -9.87 -16.37
CA ILE B 212 12.38 -8.89 -17.04
C ILE B 212 12.44 -9.06 -18.56
N THR B 213 11.26 -9.13 -19.18
CA THR B 213 11.12 -9.20 -20.64
C THR B 213 10.06 -8.21 -21.09
N PRO B 214 10.04 -7.86 -22.39
CA PRO B 214 9.00 -6.97 -22.92
C PRO B 214 7.57 -7.50 -22.71
N GLU B 215 7.36 -8.81 -22.87
CA GLU B 215 6.02 -9.40 -22.75
C GLU B 215 5.48 -9.36 -21.32
N LEU B 216 6.38 -9.42 -20.34
CA LEU B 216 6.01 -9.32 -18.93
C LEU B 216 5.49 -7.92 -18.59
N LEU B 217 6.03 -6.91 -19.27
CA LEU B 217 5.80 -5.51 -18.95
C LEU B 217 4.72 -4.82 -19.78
N HIS B 218 4.23 -5.50 -20.81
CA HIS B 218 3.28 -4.88 -21.74
C HIS B 218 2.00 -4.43 -21.02
N ASN B 219 1.68 -3.14 -21.18
CA ASN B 219 0.51 -2.50 -20.56
C ASN B 219 0.58 -2.31 -19.04
N VAL B 220 1.62 -2.85 -18.41
CA VAL B 220 1.78 -2.75 -16.96
C VAL B 220 1.87 -1.29 -16.50
N ASP B 221 2.55 -0.47 -17.29
CA ASP B 221 2.67 0.97 -17.04
C ASP B 221 1.33 1.69 -17.11
N LYS B 222 0.49 1.28 -18.06
CA LYS B 222 -0.86 1.86 -18.25
C LYS B 222 -1.78 1.54 -17.08
N PHE B 223 -1.74 0.29 -16.63
CA PHE B 223 -2.54 -0.14 -15.48
C PHE B 223 -2.21 0.68 -14.24
N VAL B 224 -0.92 0.83 -13.95
CA VAL B 224 -0.44 1.55 -12.77
C VAL B 224 -0.81 3.03 -12.87
N SER B 225 -0.48 3.65 -14.00
CA SER B 225 -0.77 5.05 -14.24
C SER B 225 -2.26 5.38 -14.04
N ALA B 226 -3.13 4.48 -14.45
CA ALA B 226 -4.58 4.69 -14.33
C ALA B 226 -5.14 4.44 -12.92
N CYS B 227 -4.28 4.00 -12.00
CA CYS B 227 -4.67 3.87 -10.59
C CYS B 227 -4.65 5.22 -9.87
N GLN B 228 -3.99 6.22 -10.47
CA GLN B 228 -3.90 7.55 -9.86
C GLN B 228 -5.25 8.26 -9.84
N THR B 229 -5.65 8.71 -8.66
CA THR B 229 -6.96 9.35 -8.48
C THR B 229 -6.82 10.87 -8.55
N TYR B 230 -7.96 11.57 -8.54
CA TYR B 230 -7.99 13.04 -8.53
C TYR B 230 -7.25 13.65 -7.34
N GLU B 231 -7.11 12.88 -6.27
CA GLU B 231 -6.41 13.32 -5.06
C GLU B 231 -4.88 13.32 -5.21
N GLY B 232 -4.37 12.60 -6.20
CA GLY B 232 -2.94 12.54 -6.44
C GLY B 232 -2.27 11.23 -6.04
N GLY B 233 -2.84 10.55 -5.05
CA GLY B 233 -2.38 9.21 -4.69
C GLY B 233 -2.99 8.16 -5.59
N PHE B 234 -2.78 6.88 -5.23
CA PHE B 234 -3.20 5.76 -6.09
C PHE B 234 -4.14 4.79 -5.38
N ALA B 235 -5.10 4.28 -6.13
CA ALA B 235 -6.00 3.22 -5.67
C ALA B 235 -5.41 1.84 -5.95
N CYS B 236 -6.11 0.80 -5.52
CA CYS B 236 -5.66 -0.59 -5.67
C CYS B 236 -5.63 -1.08 -7.12
N ALA B 237 -6.55 -0.60 -7.94
CA ALA B 237 -6.72 -1.08 -9.29
C ALA B 237 -7.40 -0.07 -10.19
N SER B 238 -7.29 -0.31 -11.50
CA SER B 238 -8.04 0.45 -12.49
C SER B 238 -8.85 -0.52 -13.35
N PHE B 239 -9.99 -0.05 -13.83
CA PHE B 239 -10.89 -0.84 -14.66
C PHE B 239 -10.74 -0.46 -16.13
N PRO B 240 -10.52 -1.44 -16.98
CA PRO B 240 -10.44 -1.18 -18.41
C PRO B 240 -11.80 -1.24 -19.07
N PHE B 241 -12.29 -0.12 -19.52
CA PHE B 241 -13.55 -0.06 -20.24
C PHE B 241 -13.34 -0.39 -21.71
N PRO B 242 -13.99 -1.47 -22.17
CA PRO B 242 -13.81 -1.97 -23.52
C PRO B 242 -14.60 -1.14 -24.52
N GLU B 255 -6.20 -1.46 -26.42
CA GLU B 255 -7.46 -2.18 -26.55
C GLU B 255 -8.63 -1.54 -25.79
N PRO B 256 -8.42 -1.13 -24.51
CA PRO B 256 -9.50 -0.44 -23.79
C PRO B 256 -9.68 1.00 -24.27
N SER B 257 -10.93 1.48 -24.26
CA SER B 257 -11.25 2.86 -24.63
C SER B 257 -10.81 3.87 -23.57
N CYS B 258 -10.91 3.47 -22.30
CA CYS B 258 -10.39 4.27 -21.17
C CYS B 258 -10.23 3.43 -19.91
N ARG B 259 -9.34 3.85 -19.02
CA ARG B 259 -9.10 3.17 -17.75
C ARG B 259 -9.46 4.10 -16.59
N VAL B 260 -10.22 3.56 -15.63
CA VAL B 260 -10.74 4.34 -14.50
C VAL B 260 -10.31 3.73 -13.17
N SER B 261 -9.76 4.56 -12.26
CA SER B 261 -9.41 4.12 -10.91
C SER B 261 -10.64 3.60 -10.15
N MET B 262 -10.43 2.55 -9.36
CA MET B 262 -11.54 1.80 -8.76
CA MET B 262 -11.54 1.80 -8.76
C MET B 262 -11.76 2.09 -7.28
N ALA B 263 -11.04 3.05 -6.72
CA ALA B 263 -11.19 3.39 -5.29
C ALA B 263 -10.38 4.63 -4.88
N GLU B 264 -10.37 4.90 -3.58
CA GLU B 264 -9.62 6.02 -2.99
C GLU B 264 -8.13 5.87 -3.16
N ALA B 265 -7.45 7.01 -3.23
CA ALA B 265 -6.01 7.07 -3.02
C ALA B 265 -5.72 6.54 -1.61
N HIS B 266 -4.84 5.56 -1.53
CA HIS B 266 -4.44 4.97 -0.26
C HIS B 266 -2.93 4.85 -0.17
N GLY B 267 -2.38 5.11 1.02
CA GLY B 267 -0.94 5.04 1.28
C GLY B 267 -0.24 3.77 0.82
N GLY B 268 -0.85 2.63 1.11
CA GLY B 268 -0.32 1.34 0.69
C GLY B 268 -0.24 1.15 -0.81
N TYR B 269 -1.32 1.49 -1.50
CA TYR B 269 -1.37 1.37 -2.96
C TYR B 269 -0.58 2.48 -3.67
N THR B 270 -0.45 3.63 -3.03
CA THR B 270 0.37 4.73 -3.53
C THR B 270 1.86 4.36 -3.46
N SER B 271 2.25 3.74 -2.34
CA SER B 271 3.60 3.20 -2.21
C SER B 271 3.90 2.20 -3.34
N CYS B 272 2.99 1.23 -3.50
CA CYS B 272 3.16 0.18 -4.51
C CYS B 272 3.21 0.73 -5.94
N SER B 273 2.35 1.72 -6.22
CA SER B 273 2.26 2.32 -7.55
C SER B 273 3.49 3.16 -7.89
N LEU B 274 3.89 4.03 -6.96
CA LEU B 274 5.08 4.87 -7.13
C LEU B 274 6.34 4.02 -7.33
N ASN B 275 6.47 2.98 -6.51
CA ASN B 275 7.59 2.05 -6.59
C ASN B 275 7.59 1.23 -7.87
N SER B 276 6.40 0.73 -8.26
CA SER B 276 6.25 0.01 -9.53
C SER B 276 6.67 0.90 -10.68
N HIS B 277 6.12 2.11 -10.71
CA HIS B 277 6.46 3.07 -11.75
C HIS B 277 7.97 3.32 -11.80
N PHE B 278 8.57 3.54 -10.63
CA PHE B 278 10.00 3.81 -10.57
C PHE B 278 10.82 2.66 -11.17
N LEU B 279 10.48 1.43 -10.80
CA LEU B 279 11.13 0.24 -11.36
C LEU B 279 10.99 0.17 -12.87
N LEU B 280 9.83 0.62 -13.38
CA LEU B 280 9.56 0.62 -14.82
C LEU B 280 10.38 1.65 -15.59
N THR B 281 10.72 2.77 -14.94
CA THR B 281 11.48 3.84 -15.59
C THR B 281 12.91 3.43 -15.97
N SER B 282 13.41 2.33 -15.40
CA SER B 282 14.75 1.87 -15.78
C SER B 282 14.77 0.80 -16.86
N VAL B 283 13.59 0.45 -17.37
CA VAL B 283 13.50 -0.47 -18.49
C VAL B 283 13.46 0.36 -19.78
N PRO B 284 14.46 0.16 -20.67
CA PRO B 284 14.56 0.95 -21.89
C PRO B 284 13.69 0.43 -23.04
N LEU B 285 12.37 0.44 -22.83
CA LEU B 285 11.42 0.15 -23.90
C LEU B 285 10.91 1.47 -24.49
N PRO B 286 10.53 1.47 -25.78
CA PRO B 286 10.07 2.71 -26.42
C PRO B 286 8.74 3.21 -25.87
N SER B 287 8.63 4.53 -25.70
CA SER B 287 7.43 5.18 -25.14
C SER B 287 6.93 4.49 -23.88
N PHE B 288 7.85 4.31 -22.93
CA PHE B 288 7.63 3.48 -21.76
C PHE B 288 8.51 3.99 -20.62
N PRO B 289 7.95 4.12 -19.41
CA PRO B 289 6.54 3.85 -19.08
C PRO B 289 5.65 5.07 -19.29
N LEU B 290 4.36 4.84 -19.48
CA LEU B 290 3.38 5.92 -19.50
C LEU B 290 3.54 6.75 -18.22
N SER B 291 3.55 8.06 -18.37
CA SER B 291 3.82 8.95 -17.26
C SER B 291 2.74 8.91 -16.18
N ILE B 292 3.13 9.29 -14.96
CA ILE B 292 2.17 9.58 -13.90
C ILE B 292 2.26 11.06 -13.58
N ASP B 293 1.33 11.57 -12.79
CA ASP B 293 1.39 12.95 -12.32
C ASP B 293 2.22 12.99 -11.04
N ALA B 294 3.53 13.20 -11.22
CA ALA B 294 4.48 13.14 -10.09
C ALA B 294 4.22 14.21 -9.03
N ASN B 295 3.95 15.43 -9.47
CA ASN B 295 3.65 16.54 -8.57
C ASN B 295 2.41 16.32 -7.71
N ALA B 296 1.36 15.76 -8.32
CA ALA B 296 0.13 15.42 -7.60
C ALA B 296 0.36 14.33 -6.55
N ALA B 297 1.23 13.38 -6.89
CA ALA B 297 1.57 12.27 -5.98
C ALA B 297 2.39 12.78 -4.80
N LEU B 298 3.33 13.69 -5.06
CA LEU B 298 4.10 14.34 -4.02
C LEU B 298 3.19 15.16 -3.11
N ARG B 299 2.30 15.94 -3.71
CA ARG B 299 1.35 16.75 -2.96
C ARG B 299 0.52 15.86 -2.04
N TRP B 300 -0.02 14.77 -2.58
CA TRP B 300 -0.84 13.87 -1.78
C TRP B 300 -0.05 13.26 -0.62
N THR B 301 1.21 12.90 -0.89
CA THR B 301 2.10 12.32 0.12
C THR B 301 2.31 13.26 1.31
N VAL B 302 2.68 14.51 1.03
CA VAL B 302 2.98 15.47 2.10
C VAL B 302 1.73 15.84 2.90
N LEU B 303 0.57 15.87 2.24
CA LEU B 303 -0.70 16.19 2.89
C LEU B 303 -1.17 15.13 3.87
N GLN B 304 -0.62 13.92 3.76
CA GLN B 304 -0.99 12.84 4.68
C GLN B 304 -0.24 12.88 6.01
N GLN B 305 0.78 13.74 6.11
CA GLN B 305 1.47 13.91 7.39
C GLN B 305 0.56 14.68 8.33
N GLY B 306 0.31 14.09 9.49
CA GLY B 306 -0.63 14.62 10.45
C GLY B 306 -0.18 15.90 11.13
N GLU B 307 -1.15 16.59 11.71
CA GLU B 307 -0.93 17.82 12.49
C GLU B 307 -0.13 17.53 13.76
N PRO B 308 0.47 18.57 14.38
CA PRO B 308 1.22 18.40 15.63
C PRO B 308 0.45 17.63 16.71
N ILE B 309 -0.85 17.92 16.86
CA ILE B 309 -1.68 17.26 17.87
C ILE B 309 -1.78 15.73 17.68
N GLU B 310 -1.63 15.27 16.44
CA GLU B 310 -1.62 13.83 16.16
C GLU B 310 -0.18 13.31 15.96
N GLY B 311 0.78 14.10 16.42
CA GLY B 311 2.17 13.67 16.53
C GLY B 311 3.00 13.68 15.27
N GLY B 312 2.44 14.18 14.16
CA GLY B 312 3.18 14.24 12.90
C GLY B 312 3.43 12.90 12.24
N GLY B 313 2.69 11.87 12.65
CA GLY B 313 2.66 10.59 11.96
C GLY B 313 1.81 10.70 10.71
N PHE B 314 1.86 9.69 9.85
CA PHE B 314 1.11 9.70 8.60
C PHE B 314 -0.21 8.97 8.71
N ARG B 315 -1.21 9.47 8.00
CA ARG B 315 -2.44 8.73 7.77
C ARG B 315 -2.38 8.09 6.38
N GLY B 316 -3.27 7.12 6.12
CA GLY B 316 -3.26 6.36 4.88
C GLY B 316 -4.20 6.89 3.81
N ARG B 317 -5.23 7.60 4.23
CA ARG B 317 -6.14 8.29 3.32
C ARG B 317 -6.78 9.49 3.99
N THR B 318 -7.23 10.43 3.16
CA THR B 318 -7.86 11.67 3.61
C THR B 318 -8.96 11.40 4.62
N ASN B 319 -8.95 12.16 5.73
CA ASN B 319 -9.98 12.11 6.77
C ASN B 319 -10.04 10.78 7.55
N LYS B 320 -8.97 10.00 7.47
CA LYS B 320 -8.81 8.82 8.32
C LYS B 320 -7.73 9.09 9.37
N LEU B 321 -7.35 8.07 10.12
CA LEU B 321 -6.50 8.25 11.30
C LEU B 321 -5.03 7.96 11.02
N VAL B 322 -4.15 8.68 11.70
CA VAL B 322 -2.71 8.43 11.61
C VAL B 322 -2.40 7.02 12.10
N ASP B 323 -1.34 6.43 11.55
CA ASP B 323 -0.98 5.06 11.83
C ASP B 323 0.51 4.88 11.55
N GLY B 324 1.22 4.32 12.53
CA GLY B 324 2.66 4.11 12.45
C GLY B 324 3.17 3.40 11.21
N CYS B 325 2.37 2.49 10.65
CA CYS B 325 2.83 1.72 9.49
C CYS B 325 2.95 2.57 8.22
N TYR B 326 2.20 3.68 8.17
CA TYR B 326 2.26 4.58 7.02
C TYR B 326 3.55 5.39 6.97
N SER B 327 4.33 5.32 8.05
CA SER B 327 5.66 5.89 8.06
C SER B 327 6.47 5.29 6.92
N TRP B 328 6.32 3.98 6.69
CA TRP B 328 6.92 3.35 5.53
C TRP B 328 6.10 3.59 4.24
N TRP B 329 4.80 3.26 4.26
CA TRP B 329 4.01 3.31 3.02
C TRP B 329 3.92 4.69 2.39
N VAL B 330 3.67 5.71 3.20
CA VAL B 330 3.59 7.08 2.69
C VAL B 330 4.96 7.76 2.76
N GLY B 331 5.62 7.68 3.92
CA GLY B 331 6.94 8.29 4.11
C GLY B 331 7.99 7.75 3.16
N GLY B 332 8.00 6.43 2.96
CA GLY B 332 8.94 5.78 2.06
C GLY B 332 8.68 6.07 0.59
N GLY B 333 7.45 6.50 0.29
CA GLY B 333 7.11 6.93 -1.06
C GLY B 333 7.60 8.33 -1.40
N ALA B 334 7.89 9.12 -0.36
CA ALA B 334 8.33 10.52 -0.54
C ALA B 334 9.61 10.70 -1.37
N PRO B 335 10.69 9.94 -1.07
CA PRO B 335 11.89 10.08 -1.91
C PRO B 335 11.69 9.66 -3.37
N VAL B 336 10.80 8.70 -3.60
CA VAL B 336 10.49 8.26 -4.96
C VAL B 336 9.73 9.33 -5.73
N ALA B 337 8.65 9.84 -5.13
CA ALA B 337 7.88 10.95 -5.71
C ALA B 337 8.77 12.18 -5.96
N GLU B 338 9.64 12.48 -5.01
CA GLU B 338 10.57 13.62 -5.12
C GLU B 338 11.51 13.49 -6.32
N GLU B 339 12.03 12.29 -6.53
CA GLU B 339 12.93 12.03 -7.66
C GLU B 339 12.19 12.13 -9.00
N LEU B 340 10.96 11.63 -9.04
CA LEU B 340 10.12 11.73 -10.23
C LEU B 340 9.80 13.18 -10.60
N VAL B 341 9.53 14.00 -9.57
CA VAL B 341 9.30 15.44 -9.77
C VAL B 341 10.57 16.11 -10.28
N ARG B 342 11.70 15.74 -9.69
CA ARG B 342 13.00 16.28 -10.08
C ARG B 342 13.32 15.98 -11.55
N ARG B 343 13.00 14.76 -12.00
CA ARG B 343 13.23 14.34 -13.38
C ARG B 343 12.34 15.07 -14.38
N GLU B 344 11.11 15.37 -13.96
CA GLU B 344 10.14 16.09 -14.80
C GLU B 344 10.56 17.55 -15.01
N LYS B 345 11.07 18.19 -13.95
CA LYS B 345 11.52 19.56 -14.04
C LYS B 345 12.78 19.68 -14.91
N SER B 346 13.69 18.72 -14.78
CA SER B 346 14.89 18.63 -15.62
C SER B 346 14.53 18.38 -17.08
N ARG B 347 13.41 17.68 -17.30
CA ARG B 347 12.93 17.38 -18.65
C ARG B 347 12.39 18.63 -19.36
N LYS B 348 12.21 19.71 -18.61
CA LYS B 348 11.80 21.00 -19.18
C LYS B 348 12.97 21.99 -19.23
N VAL B 349 13.77 22.02 -18.17
CA VAL B 349 14.95 22.89 -18.08
C VAL B 349 16.06 22.44 -19.04
N ILE B 371 18.96 21.75 -0.77
CA ILE B 371 17.51 21.56 -0.88
C ILE B 371 16.91 21.10 0.46
N PRO B 372 15.82 21.76 0.91
CA PRO B 372 15.16 21.38 2.15
C PRO B 372 14.41 20.06 2.02
N PRO B 373 14.13 19.38 3.15
CA PRO B 373 13.35 18.14 3.13
C PRO B 373 11.93 18.40 2.64
N ILE B 374 11.31 17.38 2.08
CA ILE B 374 10.00 17.55 1.45
C ILE B 374 8.84 17.18 2.39
N PHE B 375 9.17 16.41 3.43
CA PHE B 375 8.24 16.14 4.52
C PHE B 375 8.98 16.40 5.82
N ASN B 376 8.24 16.48 6.93
CA ASN B 376 8.84 16.74 8.22
C ASN B 376 9.53 15.51 8.78
N ARG B 377 10.82 15.40 8.49
CA ARG B 377 11.65 14.27 8.91
C ARG B 377 11.77 14.15 10.43
N VAL B 378 11.71 15.30 11.12
CA VAL B 378 11.84 15.34 12.58
C VAL B 378 10.55 14.87 13.26
N ALA B 379 9.41 15.43 12.83
CA ALA B 379 8.11 15.10 13.40
C ALA B 379 7.80 13.60 13.26
N LEU B 380 8.15 13.02 12.12
CA LEU B 380 7.94 11.59 11.89
C LEU B 380 8.72 10.73 12.88
N GLN B 381 9.98 11.10 13.12
CA GLN B 381 10.81 10.41 14.10
C GLN B 381 10.21 10.53 15.51
N GLU B 382 9.70 11.72 15.83
CA GLU B 382 9.03 11.96 17.10
C GLU B 382 7.78 11.11 17.28
N PHE B 383 6.98 10.96 16.22
CA PHE B 383 5.84 10.04 16.27
C PHE B 383 6.30 8.63 16.64
N THR B 384 7.33 8.15 15.93
CA THR B 384 7.88 6.81 16.14
C THR B 384 8.37 6.60 17.57
N LEU B 385 9.23 7.50 18.05
CA LEU B 385 9.84 7.39 19.37
C LEU B 385 8.83 7.56 20.51
N VAL B 386 7.94 8.54 20.37
CA VAL B 386 7.02 8.93 21.44
C VAL B 386 5.73 8.10 21.45
N ALA B 387 5.13 7.91 20.27
CA ALA B 387 3.78 7.35 20.18
C ALA B 387 3.71 5.90 19.69
N ALA B 388 4.63 5.51 18.80
CA ALA B 388 4.55 4.19 18.15
C ALA B 388 5.25 3.05 18.90
N GLN B 389 6.12 3.40 19.85
CA GLN B 389 6.76 2.40 20.70
C GLN B 389 5.80 1.90 21.76
N GLN B 390 5.87 0.60 22.06
CA GLN B 390 5.21 0.05 23.24
C GLN B 390 5.75 0.77 24.48
N ASP B 391 4.89 0.95 25.48
CA ASP B 391 5.30 1.54 26.76
C ASP B 391 6.44 0.74 27.38
N PRO B 392 7.44 1.42 27.95
CA PRO B 392 8.66 0.78 28.47
C PRO B 392 8.41 -0.27 29.55
N GLY B 393 9.34 -1.22 29.68
CA GLY B 393 9.28 -2.25 30.72
C GLY B 393 8.24 -3.33 30.48
N SER B 394 7.78 -3.46 29.24
CA SER B 394 6.74 -4.42 28.88
C SER B 394 7.20 -5.37 27.76
N THR B 395 6.29 -5.68 26.83
CA THR B 395 6.53 -6.63 25.75
C THR B 395 7.50 -6.12 24.68
N GLY B 396 7.62 -4.80 24.56
CA GLY B 396 8.35 -4.18 23.46
C GLY B 396 7.53 -4.21 22.18
N GLY B 397 8.18 -3.89 21.06
CA GLY B 397 7.51 -3.83 19.77
C GLY B 397 6.95 -2.45 19.48
N LEU B 398 6.67 -2.19 18.21
CA LEU B 398 6.05 -0.94 17.80
C LEU B 398 4.62 -1.18 17.28
N ARG B 399 3.82 -0.12 17.25
CA ARG B 399 2.37 -0.25 17.05
C ARG B 399 1.78 0.79 16.10
N ASP B 400 0.53 0.55 15.71
CA ASP B 400 -0.28 1.47 14.92
C ASP B 400 -0.36 2.84 15.61
N LYS B 401 -0.87 2.85 16.84
CA LYS B 401 -1.01 4.09 17.62
C LYS B 401 -1.20 3.72 19.09
N PRO B 402 -1.12 4.73 20.00
CA PRO B 402 -1.41 4.46 21.41
C PRO B 402 -2.78 3.80 21.58
N GLY B 403 -2.85 2.76 22.40
CA GLY B 403 -4.09 2.02 22.61
C GLY B 403 -4.17 0.76 21.76
N LYS B 404 -3.19 0.57 20.88
CA LYS B 404 -3.17 -0.61 20.02
C LYS B 404 -2.02 -1.54 20.40
N ARG B 405 -2.26 -2.84 20.34
CA ARG B 405 -1.23 -3.84 20.59
C ARG B 405 -0.12 -3.75 19.56
N PRO B 406 1.15 -3.86 20.00
CA PRO B 406 2.25 -3.94 19.03
C PRO B 406 2.19 -5.25 18.27
N ASP B 407 2.67 -5.25 17.04
CA ASP B 407 2.80 -6.50 16.27
C ASP B 407 4.03 -6.46 15.38
N GLN B 408 4.34 -7.59 14.74
CA GLN B 408 5.50 -7.72 13.87
C GLN B 408 5.42 -6.80 12.65
N TYR B 409 4.22 -6.72 12.08
CA TYR B 409 3.97 -5.88 10.90
C TYR B 409 4.23 -4.41 11.21
N HIS B 410 3.74 -3.94 12.35
CA HIS B 410 3.95 -2.54 12.74
C HIS B 410 5.38 -2.27 13.22
N THR B 411 6.02 -3.28 13.81
CA THR B 411 7.42 -3.17 14.19
C THR B 411 8.28 -2.89 12.95
N CYS B 412 8.07 -3.71 11.91
CA CYS B 412 8.81 -3.60 10.66
C CYS B 412 8.57 -2.28 9.93
N ASN B 413 7.29 -1.93 9.77
CA ASN B 413 6.94 -0.72 9.01
C ASN B 413 7.21 0.60 9.73
N ASN B 414 7.04 0.61 11.05
CA ASN B 414 7.48 1.75 11.85
C ASN B 414 8.97 2.01 11.69
N LEU B 415 9.77 0.94 11.78
CA LEU B 415 11.22 1.07 11.70
C LEU B 415 11.68 1.43 10.29
N SER B 416 11.04 0.86 9.27
CA SER B 416 11.35 1.19 7.88
C SER B 416 11.12 2.67 7.61
N GLY B 417 10.00 3.19 8.11
CA GLY B 417 9.68 4.61 8.02
C GLY B 417 10.67 5.47 8.81
N LEU B 418 10.96 5.06 10.05
CA LEU B 418 11.97 5.75 10.85
C LEU B 418 13.30 5.86 10.11
N SER B 419 13.69 4.78 9.43
CA SER B 419 14.92 4.75 8.63
C SER B 419 14.91 5.79 7.50
N ILE B 420 13.77 5.91 6.80
CA ILE B 420 13.61 6.89 5.72
C ILE B 420 13.70 8.34 6.24
N ALA B 421 13.14 8.58 7.42
CA ALA B 421 13.20 9.90 8.04
C ALA B 421 14.61 10.24 8.54
N GLN B 422 15.28 9.26 9.12
CA GLN B 422 16.62 9.44 9.68
C GLN B 422 17.68 9.74 8.62
N HIS B 423 17.60 9.05 7.50
CA HIS B 423 18.62 9.13 6.46
C HIS B 423 18.09 9.77 5.19
N LYS B 424 18.92 10.55 4.54
CA LYS B 424 18.52 11.24 3.32
C LYS B 424 18.91 10.40 2.11
N MET B 425 18.02 9.49 1.73
CA MET B 425 18.23 8.62 0.58
C MET B 425 17.83 9.30 -0.73
N SER B 426 18.79 9.37 -1.66
CA SER B 426 18.58 9.98 -2.97
C SER B 426 19.00 9.02 -4.07
N HIS B 427 18.29 9.07 -5.20
CA HIS B 427 18.69 8.34 -6.38
C HIS B 427 19.66 9.21 -7.17
N SER B 428 20.91 8.76 -7.26
CA SER B 428 22.01 9.57 -7.79
C SER B 428 22.35 9.22 -9.24
N PRO B 429 22.16 10.18 -10.16
CA PRO B 429 22.50 9.98 -11.58
C PRO B 429 23.99 9.67 -11.82
N SER B 430 24.86 10.26 -11.01
CA SER B 430 26.30 9.99 -11.12
C SER B 430 26.67 8.59 -10.63
N THR B 431 25.96 8.10 -9.62
CA THR B 431 26.14 6.72 -9.14
C THR B 431 25.66 5.71 -10.20
N VAL B 432 24.54 6.00 -10.84
CA VAL B 432 24.02 5.17 -11.93
C VAL B 432 25.03 5.12 -13.09
N SER B 433 25.62 6.27 -13.40
CA SER B 433 26.66 6.37 -14.42
C SER B 433 27.89 5.54 -14.07
N SER B 434 28.34 5.62 -12.83
CA SER B 434 29.44 4.79 -12.33
C SER B 434 29.11 3.31 -12.48
N ASN B 435 27.86 2.97 -12.16
CA ASN B 435 27.37 1.59 -12.29
C ASN B 435 27.43 1.11 -13.74
N ARG B 436 26.96 1.96 -14.67
CA ARG B 436 27.04 1.68 -16.11
C ARG B 436 28.47 1.39 -16.56
N LEU B 437 29.42 2.17 -16.05
CA LEU B 437 30.83 2.06 -16.43
C LEU B 437 31.48 0.76 -15.96
N LYS B 438 31.01 0.22 -14.84
CA LYS B 438 31.60 -0.99 -14.25
C LYS B 438 30.86 -2.29 -14.61
N PHE B 439 29.67 -2.15 -15.22
CA PHE B 439 28.86 -3.30 -15.62
C PHE B 439 29.59 -4.19 -16.63
N ASP B 440 29.48 -5.51 -16.42
CA ASP B 440 30.09 -6.49 -17.31
C ASP B 440 28.99 -7.34 -17.96
N ALA B 441 28.70 -7.04 -19.22
CA ALA B 441 27.61 -7.66 -19.97
C ALA B 441 27.90 -9.10 -20.42
N SER B 442 29.18 -9.47 -20.40
CA SER B 442 29.60 -10.83 -20.77
C SER B 442 29.35 -11.83 -19.64
N LYS B 443 28.93 -11.31 -18.48
CA LYS B 443 28.62 -12.12 -17.32
C LYS B 443 27.13 -12.04 -17.01
N GLY B 444 26.51 -13.20 -16.78
CA GLY B 444 25.09 -13.26 -16.48
C GLY B 444 24.53 -14.68 -16.49
N LEU B 445 23.37 -14.84 -15.85
CA LEU B 445 22.69 -16.13 -15.83
C LEU B 445 21.92 -16.32 -17.15
N PRO B 446 21.58 -17.57 -17.51
CA PRO B 446 20.89 -17.79 -18.78
C PRO B 446 19.58 -16.99 -18.87
N ALA B 447 19.34 -16.40 -20.04
CA ALA B 447 18.13 -15.61 -20.29
C ALA B 447 16.89 -16.47 -20.14
N VAL B 448 15.82 -15.88 -19.61
CA VAL B 448 14.54 -16.58 -19.54
C VAL B 448 13.96 -16.77 -20.94
N LYS B 449 13.39 -17.94 -21.18
CA LYS B 449 12.70 -18.22 -22.43
C LYS B 449 11.28 -17.65 -22.31
N PRO B 450 10.92 -16.72 -23.22
CA PRO B 450 9.58 -16.12 -23.22
C PRO B 450 8.49 -17.14 -23.55
N VAL B 451 7.28 -16.88 -23.06
CA VAL B 451 6.11 -17.72 -23.31
C VAL B 451 5.70 -17.63 -24.78
N ALA B 452 5.61 -16.40 -25.28
CA ALA B 452 5.34 -16.13 -26.70
C ALA B 452 6.65 -15.95 -27.46
N PRO B 453 6.74 -16.52 -28.69
CA PRO B 453 7.98 -16.47 -29.48
C PRO B 453 8.59 -15.07 -29.64
N GLY B 454 7.74 -14.06 -29.88
CA GLY B 454 8.22 -12.69 -30.01
C GLY B 454 8.13 -11.87 -28.72
N GLY B 455 8.04 -12.57 -27.59
CA GLY B 455 7.88 -11.92 -26.29
C GLY B 455 9.16 -11.45 -25.63
N GLY B 456 10.29 -11.89 -26.17
CA GLY B 456 11.61 -11.54 -25.62
C GLY B 456 12.15 -10.24 -26.19
N TRP B 457 13.41 -9.96 -25.88
CA TRP B 457 14.10 -8.79 -26.42
C TRP B 457 14.47 -9.02 -27.89
N LYS B 458 14.42 -7.95 -28.68
CA LYS B 458 14.67 -8.00 -30.12
C LYS B 458 15.97 -8.73 -30.47
N ASN B 459 17.02 -8.45 -29.70
CA ASN B 459 18.32 -9.10 -29.88
C ASN B 459 19.15 -9.06 -28.59
N GLU B 460 20.37 -9.58 -28.66
CA GLU B 460 21.24 -9.68 -27.49
C GLU B 460 21.74 -8.30 -27.00
N ASP B 461 22.03 -7.40 -27.93
CA ASP B 461 22.45 -6.05 -27.59
C ASP B 461 21.41 -5.29 -26.76
N GLU B 462 20.15 -5.38 -27.17
CA GLU B 462 19.06 -4.72 -26.48
C GLU B 462 18.74 -5.37 -25.13
N ARG B 463 18.95 -6.67 -25.02
CA ARG B 463 18.79 -7.37 -23.75
C ARG B 463 19.88 -6.93 -22.77
N GLN B 464 21.12 -6.86 -23.26
CA GLN B 464 22.24 -6.46 -22.42
C GLN B 464 22.16 -5.01 -21.98
N ASN B 465 21.66 -4.15 -22.86
CA ASN B 465 21.41 -2.75 -22.52
C ASN B 465 20.35 -2.63 -21.43
N ALA B 466 19.32 -3.48 -21.51
CA ALA B 466 18.26 -3.53 -20.52
C ALA B 466 18.79 -4.01 -19.16
N ARG B 467 19.54 -5.12 -19.18
CA ARG B 467 20.19 -5.66 -17.98
C ARG B 467 21.01 -4.59 -17.27
N ARG B 468 21.82 -3.88 -18.05
CA ARG B 468 22.65 -2.80 -17.54
C ARG B 468 21.83 -1.70 -16.86
N GLU B 469 20.77 -1.24 -17.54
CA GLU B 469 19.93 -0.17 -17.01
C GLU B 469 19.18 -0.56 -15.74
N ILE B 470 18.60 -1.77 -15.75
CA ILE B 470 17.85 -2.28 -14.62
C ILE B 470 18.76 -2.43 -13.39
N TRP B 471 19.91 -3.06 -13.59
CA TRP B 471 20.89 -3.27 -12.53
C TRP B 471 21.49 -1.94 -12.02
N ALA B 472 21.89 -1.08 -12.95
CA ALA B 472 22.56 0.19 -12.58
C ALA B 472 21.64 1.14 -11.80
N ASN B 473 20.36 1.16 -12.17
CA ASN B 473 19.38 2.00 -11.48
C ASN B 473 18.96 1.45 -10.13
N ALA B 474 18.83 0.13 -10.04
CA ALA B 474 18.52 -0.55 -8.79
C ALA B 474 19.55 -0.24 -7.71
N LEU B 475 20.80 0.01 -8.13
CA LEU B 475 21.89 0.35 -7.22
C LEU B 475 22.20 1.86 -7.24
N GLY B 476 21.21 2.67 -7.63
CA GLY B 476 21.38 4.11 -7.73
C GLY B 476 21.11 4.88 -6.45
N TRP B 477 20.51 4.23 -5.46
CA TRP B 477 20.15 4.90 -4.20
C TRP B 477 21.36 5.06 -3.29
N ILE B 478 21.64 6.31 -2.93
CA ILE B 478 22.74 6.60 -2.01
C ILE B 478 22.28 7.41 -0.80
N GLU B 479 23.06 7.28 0.26
CA GLU B 479 22.89 8.05 1.47
C GLU B 479 23.61 9.37 1.26
N GLU B 480 22.86 10.47 1.26
CA GLU B 480 23.46 11.79 1.07
C GLU B 480 24.36 12.17 2.24
N GLU B 481 25.58 12.62 1.90
CA GLU B 481 26.52 13.16 2.87
C GLU B 481 25.93 14.41 3.52
N GLY B 482 25.97 14.46 4.85
CA GLY B 482 25.42 15.58 5.61
C GLY B 482 23.91 15.58 5.75
N GLY B 483 23.25 14.56 5.20
CA GLY B 483 21.79 14.50 5.20
C GLY B 483 21.16 13.79 6.39
N GLU B 484 22.00 13.28 7.29
CA GLU B 484 21.53 12.51 8.43
C GLU B 484 20.92 13.40 9.51
N ILE B 485 19.72 13.04 9.96
CA ILE B 485 19.09 13.66 11.12
C ILE B 485 18.59 12.56 12.06
N ILE B 486 19.28 12.40 13.18
CA ILE B 486 18.89 11.42 14.19
C ILE B 486 18.32 12.13 15.42
N VAL B 487 17.00 12.21 15.47
CA VAL B 487 16.27 12.85 16.56
C VAL B 487 16.51 12.10 17.86
N GLY B 488 16.93 12.83 18.90
CA GLY B 488 17.15 12.26 20.23
C GLY B 488 18.57 11.77 20.46
N GLY B 489 19.43 11.90 19.47
CA GLY B 489 20.83 11.51 19.60
C GLY B 489 21.16 10.22 18.89
N LYS B 490 22.46 9.94 18.74
CA LYS B 490 22.94 8.86 17.88
C LYS B 490 22.61 7.44 18.33
N ASP B 491 22.28 7.26 19.60
CA ASP B 491 21.82 5.95 20.09
C ASP B 491 20.47 5.54 19.49
N ASN B 492 19.72 6.51 18.99
CA ASN B 492 18.46 6.23 18.27
C ASN B 492 18.65 5.80 16.81
N ARG B 493 19.87 5.92 16.29
CA ARG B 493 20.17 5.58 14.89
C ARG B 493 19.93 4.11 14.55
N ILE B 494 19.15 3.90 13.50
CA ILE B 494 19.02 2.57 12.91
C ILE B 494 19.62 2.55 11.52
N ASN B 495 19.72 1.38 10.91
CA ASN B 495 20.33 1.26 9.59
C ASN B 495 19.48 1.81 8.46
N THR B 496 20.13 1.98 7.31
CA THR B 496 19.53 2.65 6.17
C THR B 496 18.84 1.65 5.25
N THR B 497 17.52 1.76 5.15
CA THR B 497 16.77 0.94 4.21
C THR B 497 16.76 1.59 2.83
N THR B 498 16.64 0.77 1.78
CA THR B 498 16.60 1.28 0.43
C THR B 498 15.15 1.57 0.03
N PRO B 499 14.88 2.80 -0.46
CA PRO B 499 13.57 3.07 -1.06
C PRO B 499 13.27 2.07 -2.17
N VAL B 500 11.98 1.89 -2.48
CA VAL B 500 11.51 0.97 -3.52
C VAL B 500 11.59 -0.51 -3.11
N PHE B 501 12.76 -0.97 -2.67
CA PHE B 501 12.96 -2.37 -2.31
C PHE B 501 12.62 -2.69 -0.85
N ASN B 502 12.87 -1.74 0.04
CA ASN B 502 12.78 -1.93 1.50
C ASN B 502 13.64 -3.07 2.07
N ILE B 503 14.89 -3.13 1.64
CA ILE B 503 15.91 -3.88 2.35
C ILE B 503 17.17 -3.02 2.46
N LEU B 504 18.04 -3.33 3.42
CA LEU B 504 19.29 -2.58 3.57
C LEU B 504 20.11 -2.63 2.28
N GLY B 505 20.79 -1.53 1.97
CA GLY B 505 21.66 -1.46 0.80
C GLY B 505 22.74 -2.53 0.82
N LEU B 506 23.22 -2.85 2.01
CA LEU B 506 24.26 -3.88 2.19
C LEU B 506 23.71 -5.29 1.93
N ARG B 507 22.39 -5.43 1.92
CA ARG B 507 21.74 -6.68 1.51
C ARG B 507 21.45 -6.68 0.01
N LEU B 508 20.96 -5.54 -0.48
CA LEU B 508 20.57 -5.40 -1.88
C LEU B 508 21.73 -5.62 -2.87
N LYS B 509 22.87 -4.98 -2.59
CA LYS B 509 24.02 -5.02 -3.48
C LYS B 509 24.54 -6.44 -3.78
N PRO B 510 24.99 -7.19 -2.75
CA PRO B 510 25.51 -8.53 -3.08
C PRO B 510 24.44 -9.48 -3.63
N PHE B 511 23.19 -9.29 -3.23
CA PHE B 511 22.07 -10.11 -3.71
C PHE B 511 21.84 -9.91 -5.21
N ILE B 512 21.62 -8.66 -5.62
CA ILE B 512 21.39 -8.38 -7.04
C ILE B 512 22.65 -8.63 -7.88
N ASN B 513 23.83 -8.40 -7.31
CA ASN B 513 25.08 -8.69 -7.99
C ASN B 513 25.22 -10.17 -8.29
N TYR B 514 24.73 -11.00 -7.37
CA TYR B 514 24.76 -12.45 -7.56
C TYR B 514 23.94 -12.87 -8.78
N PHE B 515 22.71 -12.39 -8.90
CA PHE B 515 21.83 -12.78 -10.01
C PHE B 515 22.19 -12.16 -11.36
N TYR B 516 22.93 -11.06 -11.33
CA TYR B 516 23.43 -10.43 -12.55
C TYR B 516 24.91 -10.78 -12.81
N CYS B 517 25.47 -11.62 -11.95
CA CYS B 517 26.88 -12.06 -12.01
C CYS B 517 27.88 -10.91 -12.01
N GLN B 518 27.61 -9.89 -11.21
CA GLN B 518 28.46 -8.70 -11.14
C GLN B 518 29.34 -8.68 -9.89
N GLU B 519 29.34 -9.79 -9.14
CA GLU B 519 30.08 -9.91 -7.87
C GLU B 519 31.55 -9.47 -7.92
#